data_7H84
#
_entry.id   7H84
#
_cell.length_a   86.985
_cell.length_b   86.985
_cell.length_c   85.287
_cell.angle_alpha   90.00
_cell.angle_beta   90.00
_cell.angle_gamma   120.00
#
_symmetry.space_group_name_H-M   'P 31'
#
loop_
_entity.id
_entity.type
_entity.pdbx_description
1 polymer 'Non-structural protein 3'
2 non-polymer 'DIMETHYL SULFOXIDE'
3 non-polymer 'CHLORIDE ION'
4 non-polymer 3-AMINO-1,2,4-TRIAZOLE
5 water water
#
_entity_poly.entity_id   1
_entity_poly.type   'polypeptide(L)'
_entity_poly.pdbx_seq_one_letter_code
;GAMAPSYRVKRMDIAKNDEECVVNAANPRGLPGDGVCKAVYKKWPESFKNSATPVGTAKTVMCGTYPVIHAVGPNFSNYT
ESEGDRELAAAYREVAKEVTRLGVNSVAIPLLSTGVYSGGKDRLTQSLNHLFTAMDSTDADVVIYCRDKEWEKKISEAIQ
MRT
;
_entity_poly.pdbx_strand_id   A,B,C,D
#
loop_
_chem_comp.id
_chem_comp.type
_chem_comp.name
_chem_comp.formula
3TR non-polymer 3-AMINO-1,2,4-TRIAZOLE 'C2 H4 N4'
CL non-polymer 'CHLORIDE ION' 'Cl -1'
DMS non-polymer 'DIMETHYL SULFOXIDE' 'C2 H6 O S'
#
# COMPACT_ATOMS: atom_id res chain seq x y z
N GLY A 1 5.33 1.27 23.66
CA GLY A 1 4.22 1.94 24.36
C GLY A 1 4.20 3.43 24.07
N ALA A 2 3.04 4.06 24.20
CA ALA A 2 2.92 5.54 24.08
C ALA A 2 3.63 6.23 25.23
N MET A 3 4.22 7.41 25.03
CA MET A 3 4.95 8.11 26.12
C MET A 3 4.02 8.48 27.29
N ALA A 4 2.79 8.82 26.99
CA ALA A 4 1.77 9.20 27.98
C ALA A 4 0.42 8.61 27.55
N PRO A 5 0.27 7.30 27.72
CA PRO A 5 -0.90 6.60 27.18
C PRO A 5 -2.23 7.33 27.47
N SER A 6 -3.03 7.52 26.43
CA SER A 6 -4.25 8.33 26.48
C SER A 6 -5.44 7.59 25.86
N TYR A 7 -6.62 8.10 26.16
CA TYR A 7 -7.85 7.81 25.41
C TYR A 7 -8.31 9.07 24.71
N ARG A 8 -8.79 8.91 23.49
CA ARG A 8 -9.41 9.99 22.68
C ARG A 8 -10.60 9.38 21.95
N VAL A 9 -11.48 10.25 21.49
CA VAL A 9 -12.62 9.85 20.67
C VAL A 9 -12.67 10.75 19.44
N LYS A 10 -13.00 10.15 18.32
CA LYS A 10 -13.21 10.90 17.07
C LYS A 10 -14.47 10.44 16.39
N ARG A 11 -15.17 11.37 15.79
CA ARG A 11 -16.39 11.11 15.02
C ARG A 11 -16.04 11.11 13.54
N MET A 12 -15.73 9.91 13.03
CA MET A 12 -15.34 9.72 11.64
C MET A 12 -15.24 8.22 11.41
N ASP A 13 -15.06 7.87 10.15
CA ASP A 13 -14.90 6.48 9.69
C ASP A 13 -13.59 5.90 10.22
N ILE A 14 -13.69 4.82 10.99
CA ILE A 14 -12.50 4.10 11.54
C ILE A 14 -11.63 3.58 10.40
N ALA A 15 -12.18 3.39 9.19
CA ALA A 15 -11.37 2.96 8.04
C ALA A 15 -10.37 4.07 7.63
N LYS A 16 -10.52 5.31 8.14
CA LYS A 16 -9.61 6.44 7.86
C LYS A 16 -8.76 6.75 9.11
N ASN A 17 -8.58 5.80 10.03
CA ASN A 17 -7.88 6.07 11.31
C ASN A 17 -6.40 6.43 11.08
N ASP A 18 -5.81 7.07 12.06
CA ASP A 18 -4.38 7.47 12.12
C ASP A 18 -3.62 6.68 13.18
N GLU A 19 -4.03 5.44 13.42
CA GLU A 19 -3.37 4.59 14.43
C GLU A 19 -2.61 3.45 13.77
N GLU A 20 -1.82 2.75 14.58
CA GLU A 20 -0.92 1.70 14.05
C GLU A 20 -1.65 0.39 13.81
N CYS A 21 -2.89 0.24 14.28
CA CYS A 21 -3.74 -0.93 13.96
C CYS A 21 -5.17 -0.56 14.23
N VAL A 22 -6.04 -1.44 13.78
CA VAL A 22 -7.50 -1.22 13.86
C VAL A 22 -8.15 -2.44 14.43
N VAL A 23 -9.17 -2.21 15.25
CA VAL A 23 -10.09 -3.27 15.70
C VAL A 23 -11.33 -3.23 14.84
N ASN A 24 -11.63 -4.36 14.22
CA ASN A 24 -12.87 -4.53 13.44
C ASN A 24 -13.95 -5.02 14.40
N ALA A 25 -15.15 -4.49 14.26
CA ALA A 25 -16.36 -5.05 14.91
C ALA A 25 -16.90 -6.17 14.03
N ALA A 26 -16.24 -7.31 14.12
CA ALA A 26 -16.39 -8.42 13.17
C ALA A 26 -17.63 -9.24 13.50
N ASN A 27 -18.02 -10.03 12.50
CA ASN A 27 -18.94 -11.17 12.71
C ASN A 27 -18.14 -12.45 12.90
N PRO A 28 -18.71 -13.51 13.48
CA PRO A 28 -17.95 -14.72 13.75
C PRO A 28 -17.43 -15.44 12.50
N ARG A 29 -18.02 -15.13 11.34
CA ARG A 29 -17.78 -15.91 10.11
C ARG A 29 -16.79 -15.24 9.18
N GLY A 30 -16.21 -14.11 9.55
CA GLY A 30 -15.28 -13.46 8.63
C GLY A 30 -15.98 -12.92 7.42
N LEU A 31 -17.29 -12.64 7.46
CA LEU A 31 -18.00 -12.11 6.29
C LEU A 31 -17.85 -10.61 6.22
N PRO A 32 -18.04 -9.99 5.03
CA PRO A 32 -17.96 -8.55 4.90
C PRO A 32 -18.89 -7.77 5.81
N GLY A 33 -20.07 -8.29 6.06
CA GLY A 33 -20.95 -7.71 7.09
C GLY A 33 -21.52 -6.36 6.73
N ASP A 34 -21.82 -5.56 7.76
CA ASP A 34 -22.45 -4.21 7.64
C ASP A 34 -21.71 -3.22 8.56
N GLY A 35 -22.02 -1.93 8.42
CA GLY A 35 -21.48 -0.89 9.32
C GLY A 35 -19.94 -0.84 9.34
N VAL A 36 -19.37 -0.81 10.54
CA VAL A 36 -17.89 -0.80 10.69
C VAL A 36 -17.28 -1.96 9.90
N CYS A 37 -17.84 -3.17 10.01
CA CYS A 37 -17.25 -4.39 9.42
C CYS A 37 -17.14 -4.21 7.90
N LYS A 38 -18.20 -3.65 7.28
CA LYS A 38 -18.15 -3.46 5.81
C LYS A 38 -17.12 -2.38 5.41
N ALA A 39 -16.95 -1.35 6.23
CA ALA A 39 -15.94 -0.29 5.97
C ALA A 39 -14.54 -0.91 6.06
N VAL A 40 -14.33 -1.77 7.05
CA VAL A 40 -13.04 -2.47 7.26
C VAL A 40 -12.80 -3.42 6.09
N TYR A 41 -13.85 -4.10 5.64
CA TYR A 41 -13.71 -5.02 4.48
C TYR A 41 -13.31 -4.24 3.22
N LYS A 42 -13.90 -3.07 3.01
CA LYS A 42 -13.56 -2.27 1.80
C LYS A 42 -12.11 -1.76 1.88
N LYS A 43 -11.63 -1.41 3.05
CA LYS A 43 -10.28 -0.80 3.21
C LYS A 43 -9.18 -1.85 3.33
N TRP A 44 -9.45 -2.98 3.97
CA TRP A 44 -8.46 -4.03 4.24
C TRP A 44 -9.04 -5.38 3.92
N PRO A 45 -9.49 -5.64 2.68
CA PRO A 45 -10.11 -6.93 2.39
C PRO A 45 -9.18 -8.12 2.60
N GLU A 46 -7.89 -7.92 2.41
CA GLU A 46 -6.88 -8.99 2.57
C GLU A 46 -6.92 -9.54 4.01
N SER A 47 -7.37 -8.72 4.97
CA SER A 47 -7.36 -9.11 6.39
C SER A 47 -8.52 -10.04 6.73
N PHE A 48 -9.36 -10.39 5.75
CA PHE A 48 -10.49 -11.32 5.99
C PHE A 48 -10.09 -12.74 5.58
N LYS A 49 -8.84 -12.97 5.23
CA LYS A 49 -8.36 -14.37 5.03
C LYS A 49 -8.32 -15.13 6.37
N ASN A 50 -9.19 -16.10 6.55
CA ASN A 50 -9.23 -16.93 7.79
C ASN A 50 -9.36 -16.03 9.03
N SER A 51 -10.26 -15.07 8.95
CA SER A 51 -10.57 -14.18 10.09
C SER A 51 -11.73 -14.68 10.94
N ALA A 52 -12.43 -15.72 10.54
CA ALA A 52 -13.54 -16.28 11.34
C ALA A 52 -13.02 -16.67 12.71
N THR A 53 -13.77 -16.33 13.78
CA THR A 53 -13.39 -16.58 15.18
C THR A 53 -14.66 -16.52 16.02
N PRO A 54 -14.75 -17.25 17.13
CA PRO A 54 -15.99 -17.28 17.90
C PRO A 54 -16.32 -15.98 18.61
N VAL A 55 -17.54 -15.89 19.08
CA VAL A 55 -17.98 -14.73 19.86
C VAL A 55 -17.10 -14.69 21.10
N GLY A 56 -16.76 -13.46 21.53
CA GLY A 56 -15.99 -13.23 22.75
C GLY A 56 -14.50 -13.35 22.48
N THR A 57 -14.04 -13.47 21.25
CA THR A 57 -12.62 -13.60 20.88
C THR A 57 -12.20 -12.56 19.87
N ALA A 58 -10.89 -12.48 19.70
CA ALA A 58 -10.29 -11.60 18.71
C ALA A 58 -9.24 -12.38 17.96
N LYS A 59 -9.20 -12.12 16.68
CA LYS A 59 -8.26 -12.79 15.77
C LYS A 59 -7.63 -11.71 14.88
N THR A 60 -6.31 -11.62 14.90
CA THR A 60 -5.57 -10.62 14.11
C THR A 60 -5.14 -11.24 12.79
N VAL A 61 -5.38 -10.51 11.73
CA VAL A 61 -4.87 -10.82 10.37
C VAL A 61 -4.24 -9.57 9.83
N MET A 62 -3.05 -9.70 9.26
N MET A 62 -3.05 -9.71 9.26
CA MET A 62 -2.27 -8.58 8.70
CA MET A 62 -2.32 -8.61 8.64
C MET A 62 -2.78 -8.25 7.30
C MET A 62 -2.96 -8.24 7.30
N CYS A 63 -2.93 -6.95 7.00
CA CYS A 63 -3.16 -6.42 5.66
C CYS A 63 -1.83 -5.75 5.30
N GLY A 64 -0.97 -6.39 4.51
CA GLY A 64 0.42 -5.90 4.40
C GLY A 64 1.10 -6.05 5.72
N THR A 65 1.52 -4.95 6.33
CA THR A 65 2.05 -4.95 7.70
C THR A 65 1.07 -4.27 8.67
N TYR A 66 -0.11 -3.94 8.20
CA TYR A 66 -1.10 -3.23 9.07
C TYR A 66 -2.02 -4.24 9.74
N PRO A 67 -1.98 -4.37 11.09
CA PRO A 67 -2.81 -5.38 11.77
C PRO A 67 -4.27 -4.96 11.88
N VAL A 68 -5.13 -5.88 11.49
CA VAL A 68 -6.59 -5.82 11.70
C VAL A 68 -6.94 -6.85 12.77
N ILE A 69 -7.43 -6.37 13.90
CA ILE A 69 -7.80 -7.23 15.04
C ILE A 69 -9.34 -7.42 14.93
N HIS A 70 -9.76 -8.57 14.47
CA HIS A 70 -11.19 -8.91 14.32
C HIS A 70 -11.76 -9.30 15.65
N ALA A 71 -12.53 -8.42 16.27
CA ALA A 71 -13.12 -8.68 17.60
C ALA A 71 -14.61 -8.92 17.45
N VAL A 72 -15.02 -10.09 17.92
CA VAL A 72 -16.45 -10.52 17.78
C VAL A 72 -17.22 -10.32 19.07
N GLY A 73 -17.97 -9.22 19.11
CA GLY A 73 -18.96 -8.97 20.17
C GLY A 73 -20.19 -9.84 19.95
N PRO A 74 -20.92 -10.10 21.04
CA PRO A 74 -22.16 -10.87 20.97
C PRO A 74 -23.26 -10.02 20.31
N ASN A 75 -24.13 -10.71 19.56
CA ASN A 75 -25.39 -10.08 19.08
C ASN A 75 -26.47 -10.20 20.16
N PHE A 76 -26.83 -9.13 20.82
CA PHE A 76 -27.81 -9.14 21.93
C PHE A 76 -29.20 -9.54 21.44
N SER A 77 -29.44 -9.64 20.14
CA SER A 77 -30.68 -10.30 19.63
C SER A 77 -30.70 -11.78 20.04
N ASN A 78 -29.53 -12.40 20.18
CA ASN A 78 -29.41 -13.86 20.38
C ASN A 78 -29.05 -14.23 21.78
N TYR A 79 -28.22 -13.42 22.41
CA TYR A 79 -27.73 -13.67 23.78
C TYR A 79 -28.70 -13.08 24.81
N THR A 80 -28.72 -13.68 25.97
CA THR A 80 -29.33 -13.06 27.16
C THR A 80 -28.51 -11.83 27.55
N GLU A 81 -29.08 -10.91 28.30
CA GLU A 81 -28.32 -9.74 28.80
C GLU A 81 -27.10 -10.23 29.58
N SER A 82 -27.24 -11.20 30.46
CA SER A 82 -26.17 -11.74 31.30
C SER A 82 -25.05 -12.37 30.44
N GLU A 83 -25.39 -13.27 29.53
CA GLU A 83 -24.35 -13.99 28.76
C GLU A 83 -23.73 -13.00 27.76
N GLY A 84 -24.54 -12.13 27.21
CA GLY A 84 -24.09 -11.11 26.26
C GLY A 84 -23.07 -10.23 26.94
N ASP A 85 -23.37 -9.80 28.16
CA ASP A 85 -22.47 -8.90 28.89
C ASP A 85 -21.14 -9.60 29.12
N ARG A 86 -21.13 -10.87 29.49
CA ARG A 86 -19.92 -11.67 29.71
C ARG A 86 -19.10 -11.74 28.40
N GLU A 87 -19.75 -11.99 27.27
CA GLU A 87 -19.02 -12.19 26.00
C GLU A 87 -18.49 -10.85 25.52
N LEU A 88 -19.18 -9.76 25.79
CA LEU A 88 -18.75 -8.42 25.34
C LEU A 88 -17.48 -8.04 26.14
N ALA A 89 -17.49 -8.26 27.44
CA ALA A 89 -16.29 -8.05 28.27
C ALA A 89 -15.14 -8.91 27.77
N ALA A 90 -15.38 -10.20 27.45
CA ALA A 90 -14.32 -11.13 27.02
C ALA A 90 -13.73 -10.63 25.69
N ALA A 91 -14.56 -10.21 24.74
CA ALA A 91 -14.02 -9.75 23.44
C ALA A 91 -12.99 -8.64 23.68
N TYR A 92 -13.34 -7.69 24.53
CA TYR A 92 -12.40 -6.57 24.79
C TYR A 92 -11.15 -7.07 25.48
N ARG A 93 -11.24 -8.01 26.42
CA ARG A 93 -10.03 -8.58 27.04
C ARG A 93 -9.13 -9.19 25.96
N GLU A 94 -9.69 -9.89 24.96
CA GLU A 94 -8.89 -10.49 23.87
C GLU A 94 -8.29 -9.39 23.00
N VAL A 95 -8.96 -8.27 22.78
CA VAL A 95 -8.37 -7.14 22.06
C VAL A 95 -7.14 -6.65 22.86
N ALA A 96 -7.25 -6.46 24.15
CA ALA A 96 -6.10 -5.95 24.92
C ALA A 96 -4.91 -6.91 24.78
N LYS A 97 -5.13 -8.20 24.78
CA LYS A 97 -4.02 -9.17 24.64
C LYS A 97 -3.39 -9.02 23.25
N GLU A 98 -4.19 -8.84 22.20
CA GLU A 98 -3.64 -8.70 20.86
C GLU A 98 -2.88 -7.40 20.70
N VAL A 99 -3.43 -6.31 21.19
CA VAL A 99 -2.76 -4.99 21.10
C VAL A 99 -1.41 -5.11 21.82
N THR A 100 -1.39 -5.78 22.95
CA THR A 100 -0.10 -5.95 23.71
C THR A 100 0.86 -6.78 22.90
N ARG A 101 0.41 -7.92 22.40
CA ARG A 101 1.25 -8.87 21.64
C ARG A 101 1.88 -8.15 20.44
N LEU A 102 1.10 -7.33 19.74
CA LEU A 102 1.55 -6.67 18.52
C LEU A 102 2.64 -5.61 18.81
N GLY A 103 2.68 -5.09 20.02
CA GLY A 103 3.66 -4.06 20.42
C GLY A 103 3.37 -2.70 19.79
N VAL A 104 2.13 -2.47 19.35
CA VAL A 104 1.74 -1.19 18.74
C VAL A 104 1.72 -0.08 19.81
N ASN A 105 1.92 1.15 19.38
CA ASN A 105 1.84 2.30 20.28
C ASN A 105 0.47 2.99 20.20
N SER A 106 -0.41 2.57 19.30
CA SER A 106 -1.76 3.15 19.15
C SER A 106 -2.68 2.14 18.48
N VAL A 107 -3.97 2.29 18.77
CA VAL A 107 -5.01 1.39 18.23
C VAL A 107 -6.28 2.20 18.05
N ALA A 108 -6.98 1.97 16.95
CA ALA A 108 -8.31 2.50 16.60
C ALA A 108 -9.35 1.45 16.97
N ILE A 109 -10.36 1.83 17.74
N ILE A 109 -10.30 1.79 17.84
CA ILE A 109 -11.34 0.85 18.26
CA ILE A 109 -11.33 0.85 18.38
C ILE A 109 -12.75 1.41 18.20
C ILE A 109 -12.72 1.43 18.13
N PRO A 110 -13.70 0.60 17.71
CA PRO A 110 -15.12 0.95 17.75
C PRO A 110 -15.77 0.40 19.02
N LEU A 111 -16.94 0.90 19.39
CA LEU A 111 -17.68 0.32 20.54
C LEU A 111 -18.40 -0.96 20.07
N LEU A 112 -17.88 -2.09 20.49
CA LEU A 112 -18.45 -3.41 20.11
C LEU A 112 -19.89 -3.49 20.61
N SER A 113 -20.69 -4.22 19.81
CA SER A 113 -22.09 -4.56 20.12
C SER A 113 -22.98 -3.32 20.30
N THR A 114 -22.67 -2.17 19.72
CA THR A 114 -23.47 -0.91 19.88
C THR A 114 -24.30 -0.59 18.63
N GLY A 115 -24.11 -1.32 17.54
CA GLY A 115 -24.79 -1.07 16.24
C GLY A 115 -25.82 -2.16 16.03
N VAL A 116 -25.68 -2.94 14.96
CA VAL A 116 -26.72 -3.97 14.64
C VAL A 116 -26.69 -5.12 15.64
N TYR A 117 -25.65 -5.28 16.49
CA TYR A 117 -25.59 -6.33 17.52
C TYR A 117 -26.13 -5.82 18.86
N SER A 118 -26.70 -4.62 18.91
CA SER A 118 -27.15 -4.00 20.19
C SER A 118 -28.51 -4.55 20.66
N GLY A 119 -29.20 -5.34 19.84
CA GLY A 119 -30.53 -5.85 20.22
C GLY A 119 -31.48 -4.68 20.48
N GLY A 120 -31.28 -3.59 19.73
CA GLY A 120 -32.12 -2.39 19.73
C GLY A 120 -31.98 -1.49 20.95
N LYS A 121 -30.92 -1.70 21.74
CA LYS A 121 -30.70 -0.94 23.01
C LYS A 121 -29.49 -0.02 22.84
N ASP A 122 -29.47 1.05 23.66
CA ASP A 122 -28.32 1.96 23.79
C ASP A 122 -27.32 1.27 24.71
N ARG A 123 -26.16 0.86 24.17
CA ARG A 123 -25.14 0.14 24.96
C ARG A 123 -23.86 0.96 24.98
N LEU A 124 -23.92 2.28 24.79
CA LEU A 124 -22.70 3.14 24.85
C LEU A 124 -21.96 2.88 26.16
N THR A 125 -22.56 3.12 27.31
CA THR A 125 -21.89 3.02 28.62
C THR A 125 -21.40 1.59 28.87
N GLN A 126 -22.24 0.60 28.58
CA GLN A 126 -21.88 -0.83 28.83
C GLN A 126 -20.61 -1.17 28.02
N SER A 127 -20.65 -0.84 26.75
CA SER A 127 -19.55 -1.24 25.84
C SER A 127 -18.29 -0.46 26.24
N LEU A 128 -18.43 0.86 26.38
CA LEU A 128 -17.26 1.72 26.73
C LEU A 128 -16.64 1.26 28.05
N ASN A 129 -17.45 0.93 29.07
CA ASN A 129 -16.90 0.49 30.35
C ASN A 129 -16.14 -0.82 30.18
N HIS A 130 -16.62 -1.76 29.38
CA HIS A 130 -15.85 -2.99 29.12
C HIS A 130 -14.56 -2.67 28.37
N LEU A 131 -14.60 -1.73 27.45
CA LEU A 131 -13.41 -1.27 26.71
C LEU A 131 -12.39 -0.77 27.76
N PHE A 132 -12.81 0.12 28.65
CA PHE A 132 -11.88 0.65 29.65
C PHE A 132 -11.34 -0.47 30.52
N THR A 133 -12.19 -1.39 31.02
CA THR A 133 -11.73 -2.48 31.90
C THR A 133 -10.56 -3.21 31.23
N ALA A 134 -10.67 -3.49 29.94
CA ALA A 134 -9.66 -4.26 29.20
C ALA A 134 -8.43 -3.40 28.87
N MET A 135 -8.64 -2.17 28.41
CA MET A 135 -7.55 -1.38 27.83
C MET A 135 -6.78 -0.55 28.89
N ASP A 136 -7.33 -0.38 30.06
CA ASP A 136 -6.66 0.49 31.06
C ASP A 136 -5.26 0.01 31.37
N SER A 137 -4.99 -1.30 31.36
CA SER A 137 -3.68 -1.85 31.75
C SER A 137 -2.70 -1.88 30.57
N THR A 138 -3.15 -1.48 29.37
CA THR A 138 -2.32 -1.37 28.17
C THR A 138 -1.72 0.04 28.12
N ASP A 139 -0.61 0.17 27.41
CA ASP A 139 0.07 1.46 27.23
C ASP A 139 -0.01 1.96 25.80
N ALA A 140 -0.92 1.39 24.98
CA ALA A 140 -1.19 1.99 23.66
C ALA A 140 -2.08 3.22 23.79
N ASP A 141 -1.86 4.22 22.96
CA ASP A 141 -2.86 5.29 22.79
C ASP A 141 -4.10 4.67 22.16
N VAL A 142 -5.27 4.85 22.77
CA VAL A 142 -6.53 4.28 22.26
C VAL A 142 -7.34 5.41 21.67
N VAL A 143 -7.80 5.24 20.45
CA VAL A 143 -8.63 6.24 19.77
C VAL A 143 -9.94 5.55 19.39
N ILE A 144 -10.98 5.97 20.04
CA ILE A 144 -12.34 5.40 19.86
C ILE A 144 -13.03 6.12 18.71
N TYR A 145 -13.59 5.38 17.77
CA TYR A 145 -14.27 5.95 16.59
C TYR A 145 -15.78 5.73 16.75
N CYS A 146 -16.54 6.76 16.48
CA CYS A 146 -18.01 6.72 16.47
C CYS A 146 -18.50 7.57 15.29
N ARG A 147 -19.80 7.57 15.01
CA ARG A 147 -20.34 8.38 13.89
C ARG A 147 -21.39 9.39 14.38
N ASP A 148 -21.94 9.20 15.58
CA ASP A 148 -23.04 10.08 16.10
C ASP A 148 -22.47 11.22 16.94
N LYS A 149 -22.95 12.46 16.72
CA LYS A 149 -22.45 13.66 17.44
C LYS A 149 -22.77 13.56 18.94
N GLU A 150 -23.93 13.01 19.32
CA GLU A 150 -24.27 12.88 20.76
C GLU A 150 -23.40 11.81 21.40
N TRP A 151 -23.13 10.72 20.67
CA TRP A 151 -22.21 9.66 21.19
C TRP A 151 -20.81 10.22 21.37
N GLU A 152 -20.34 11.04 20.44
CA GLU A 152 -18.99 11.68 20.56
C GLU A 152 -18.93 12.44 21.87
N LYS A 153 -19.95 13.23 22.18
CA LYS A 153 -19.96 14.11 23.36
C LYS A 153 -19.98 13.22 24.62
N LYS A 154 -20.81 12.19 24.64
CA LYS A 154 -20.91 11.29 25.80
C LYS A 154 -19.64 10.48 26.01
N ILE A 155 -19.04 9.99 24.94
CA ILE A 155 -17.77 9.25 25.08
C ILE A 155 -16.67 10.20 25.60
N SER A 156 -16.61 11.41 25.06
CA SER A 156 -15.58 12.40 25.45
C SER A 156 -15.76 12.71 26.94
N GLU A 157 -17.02 12.87 27.37
CA GLU A 157 -17.32 13.21 28.79
C GLU A 157 -16.82 12.07 29.68
N ALA A 158 -17.07 10.82 29.28
CA ALA A 158 -16.69 9.66 30.09
C ALA A 158 -15.18 9.58 30.18
N ILE A 159 -14.48 9.89 29.09
CA ILE A 159 -13.00 9.90 29.14
C ILE A 159 -12.55 11.00 30.10
N GLN A 160 -13.11 12.19 29.96
CA GLN A 160 -12.64 13.38 30.71
C GLN A 160 -12.92 13.18 32.21
N MET A 161 -14.01 12.50 32.56
CA MET A 161 -14.44 12.24 33.97
C MET A 161 -13.29 11.63 34.76
N ARG A 162 -12.44 10.82 34.11
CA ARG A 162 -11.39 9.98 34.76
C ARG A 162 -10.07 10.78 34.88
N THR A 163 -9.85 11.76 34.01
CA THR A 163 -8.57 12.53 33.87
C THR A 163 -8.38 13.48 35.07
N GLY B 1 9.67 32.02 9.59
CA GLY B 1 9.72 32.35 8.13
C GLY B 1 10.64 31.39 7.39
N ALA B 2 10.44 31.22 6.11
CA ALA B 2 11.40 30.54 5.22
C ALA B 2 12.65 31.41 5.09
N MET B 3 13.81 30.79 4.87
CA MET B 3 15.07 31.57 4.83
C MET B 3 15.12 32.48 3.59
N ALA B 4 14.49 32.07 2.49
CA ALA B 4 14.43 32.88 1.26
C ALA B 4 13.03 32.67 0.69
N PRO B 5 12.02 33.34 1.30
CA PRO B 5 10.65 33.05 0.92
C PRO B 5 10.42 33.01 -0.59
N SER B 6 9.76 31.96 -1.05
CA SER B 6 9.58 31.67 -2.48
C SER B 6 8.15 31.25 -2.79
N TYR B 7 7.83 31.28 -4.07
CA TYR B 7 6.66 30.59 -4.65
C TYR B 7 7.17 29.45 -5.55
N ARG B 8 6.46 28.33 -5.48
CA ARG B 8 6.68 27.22 -6.44
C ARG B 8 5.33 26.71 -6.89
N VAL B 9 5.30 26.01 -8.01
CA VAL B 9 4.04 25.32 -8.42
C VAL B 9 4.34 23.83 -8.55
N LYS B 10 3.40 22.98 -8.12
CA LYS B 10 3.46 21.50 -8.27
C LYS B 10 2.15 20.98 -8.87
N ARG B 11 2.25 20.20 -9.95
CA ARG B 11 1.09 19.63 -10.68
C ARG B 11 0.87 18.27 -10.08
N MET B 12 0.11 18.22 -9.01
CA MET B 12 -0.21 16.99 -8.25
C MET B 12 -1.35 17.30 -7.30
N ASP B 13 -1.90 16.26 -6.68
CA ASP B 13 -2.98 16.30 -5.67
C ASP B 13 -2.46 16.98 -4.40
N ILE B 14 -3.02 18.16 -4.11
CA ILE B 14 -2.61 18.93 -2.92
C ILE B 14 -2.72 18.07 -1.66
N ALA B 15 -3.57 17.03 -1.61
CA ALA B 15 -3.70 16.15 -0.43
C ALA B 15 -2.37 15.41 -0.12
N LYS B 16 -1.46 15.36 -1.07
CA LYS B 16 -0.13 14.72 -0.88
C LYS B 16 1.00 15.76 -0.77
N ASN B 17 0.64 16.95 -0.27
CA ASN B 17 1.58 18.07 -0.09
C ASN B 17 2.60 17.72 0.97
N ASP B 18 3.82 18.23 0.79
CA ASP B 18 4.96 18.12 1.74
C ASP B 18 5.19 19.49 2.39
N GLU B 19 4.14 20.30 2.57
CA GLU B 19 4.24 21.59 3.30
C GLU B 19 3.71 21.47 4.72
N GLU B 20 3.89 22.50 5.53
CA GLU B 20 3.60 22.49 6.96
C GLU B 20 2.12 22.70 7.25
N CYS B 21 1.37 23.16 6.25
CA CYS B 21 -0.11 23.27 6.34
C CYS B 21 -0.66 23.30 4.93
N VAL B 22 -2.01 23.15 4.86
CA VAL B 22 -2.72 23.09 3.58
C VAL B 22 -3.90 24.07 3.66
N VAL B 23 -4.14 24.69 2.52
CA VAL B 23 -5.38 25.47 2.31
C VAL B 23 -6.33 24.57 1.53
N ASN B 24 -7.50 24.37 2.10
CA ASN B 24 -8.63 23.70 1.42
C ASN B 24 -9.42 24.75 0.62
N ALA B 25 -9.81 24.42 -0.59
CA ALA B 25 -10.80 25.20 -1.36
C ALA B 25 -12.18 24.75 -0.88
N ALA B 26 -12.60 25.29 0.25
CA ALA B 26 -13.73 24.81 1.04
C ALA B 26 -15.06 25.32 0.43
N ASN B 27 -16.16 24.68 0.82
CA ASN B 27 -17.49 25.28 0.69
C ASN B 27 -17.92 25.87 2.04
N PRO B 28 -18.93 26.73 2.10
CA PRO B 28 -19.29 27.44 3.32
C PRO B 28 -19.80 26.53 4.43
N ARG B 29 -20.21 25.31 4.11
CA ARG B 29 -20.94 24.47 5.05
C ARG B 29 -20.07 23.34 5.59
N GLY B 30 -18.79 23.26 5.19
CA GLY B 30 -17.93 22.16 5.68
C GLY B 30 -18.34 20.80 5.16
N LEU B 31 -18.94 20.78 3.99
CA LEU B 31 -19.27 19.52 3.30
C LEU B 31 -18.10 18.98 2.49
N PRO B 32 -18.08 17.67 2.11
CA PRO B 32 -17.01 17.11 1.29
C PRO B 32 -16.77 17.77 -0.08
N GLY B 33 -17.82 18.22 -0.73
CA GLY B 33 -17.66 19.02 -1.96
C GLY B 33 -17.03 18.27 -3.11
N ASP B 34 -16.30 18.97 -3.96
CA ASP B 34 -15.73 18.44 -5.21
C ASP B 34 -14.27 18.85 -5.33
N GLY B 35 -13.56 18.31 -6.30
CA GLY B 35 -12.19 18.74 -6.65
C GLY B 35 -11.26 18.72 -5.43
N VAL B 36 -10.58 19.83 -5.16
CA VAL B 36 -9.63 19.90 -4.05
C VAL B 36 -10.32 19.55 -2.74
N CYS B 37 -11.52 20.07 -2.53
CA CYS B 37 -12.24 19.87 -1.26
C CYS B 37 -12.46 18.38 -1.03
N LYS B 38 -12.87 17.66 -2.07
CA LYS B 38 -13.14 16.21 -1.90
C LYS B 38 -11.81 15.50 -1.62
N ALA B 39 -10.74 15.91 -2.31
CA ALA B 39 -9.37 15.33 -2.06
C ALA B 39 -8.98 15.57 -0.60
N VAL B 40 -9.21 16.79 -0.08
CA VAL B 40 -8.85 17.13 1.31
C VAL B 40 -9.74 16.38 2.27
N TYR B 41 -11.01 16.18 1.95
CA TYR B 41 -11.93 15.42 2.82
C TYR B 41 -11.47 13.94 2.86
N LYS B 42 -11.00 13.39 1.74
CA LYS B 42 -10.56 11.95 1.63
C LYS B 42 -9.32 11.79 2.53
N LYS B 43 -8.42 12.78 2.52
CA LYS B 43 -7.08 12.70 3.16
C LYS B 43 -7.19 13.03 4.64
N TRP B 44 -7.81 14.18 4.97
CA TRP B 44 -7.87 14.73 6.35
C TRP B 44 -9.33 14.91 6.80
N PRO B 45 -10.18 13.88 6.82
CA PRO B 45 -11.56 14.07 7.19
C PRO B 45 -11.95 14.74 8.53
N GLU B 46 -11.14 14.49 9.56
CA GLU B 46 -11.40 15.05 10.91
C GLU B 46 -11.25 16.57 10.87
N SER B 47 -10.54 17.10 9.86
CA SER B 47 -10.35 18.58 9.72
C SER B 47 -11.68 19.25 9.33
N PHE B 48 -12.78 18.52 9.08
CA PHE B 48 -14.06 19.15 8.74
C PHE B 48 -14.97 19.31 9.96
N LYS B 49 -14.50 18.93 11.14
CA LYS B 49 -15.32 19.21 12.34
C LYS B 49 -15.46 20.72 12.55
N ASN B 50 -16.68 21.23 12.47
CA ASN B 50 -17.03 22.65 12.69
C ASN B 50 -16.18 23.54 11.76
N SER B 51 -15.98 23.14 10.51
CA SER B 51 -15.18 23.91 9.54
C SER B 51 -16.09 24.89 8.77
N ALA B 52 -17.41 24.83 8.89
CA ALA B 52 -18.30 25.78 8.18
C ALA B 52 -17.89 27.24 8.49
N THR B 53 -17.83 28.10 7.48
CA THR B 53 -17.42 29.51 7.62
C THR B 53 -17.94 30.24 6.38
N PRO B 54 -18.19 31.55 6.46
CA PRO B 54 -18.80 32.27 5.35
C PRO B 54 -17.85 32.47 4.17
N VAL B 55 -18.46 32.75 3.03
CA VAL B 55 -17.67 33.14 1.84
C VAL B 55 -16.78 34.31 2.22
N GLY B 56 -15.56 34.30 1.66
CA GLY B 56 -14.58 35.34 1.88
C GLY B 56 -13.83 35.16 3.17
N THR B 57 -13.94 34.05 3.87
CA THR B 57 -13.26 33.81 5.16
C THR B 57 -12.45 32.53 5.09
N ALA B 58 -11.58 32.39 6.07
CA ALA B 58 -10.81 31.17 6.28
C ALA B 58 -10.99 30.74 7.72
N LYS B 59 -11.14 29.44 7.93
CA LYS B 59 -11.28 28.84 9.29
C LYS B 59 -10.33 27.64 9.37
N THR B 60 -9.38 27.67 10.31
CA THR B 60 -8.38 26.59 10.47
C THR B 60 -8.89 25.57 11.49
N VAL B 61 -8.79 24.31 11.09
CA VAL B 61 -9.07 23.15 11.98
C VAL B 61 -7.82 22.28 11.95
N MET B 62 -7.35 21.79 13.08
CA MET B 62 -6.16 20.89 13.07
C MET B 62 -6.59 19.47 12.66
N CYS B 63 -5.77 18.79 11.87
CA CYS B 63 -5.84 17.33 11.66
C CYS B 63 -4.60 16.71 12.29
N GLY B 64 -4.70 16.31 13.56
CA GLY B 64 -3.53 16.01 14.42
C GLY B 64 -2.70 17.27 14.65
N THR B 65 -1.43 17.28 14.20
CA THR B 65 -0.44 18.39 14.41
C THR B 65 -0.45 19.35 13.21
N TYR B 66 -1.38 19.13 12.30
CA TYR B 66 -1.36 19.60 10.89
C TYR B 66 -2.52 20.56 10.68
N PRO B 67 -2.29 21.87 10.43
CA PRO B 67 -3.40 22.80 10.17
C PRO B 67 -3.95 22.71 8.75
N VAL B 68 -5.27 22.56 8.72
CA VAL B 68 -6.07 22.68 7.48
C VAL B 68 -6.83 24.00 7.55
N ILE B 69 -6.48 24.86 6.62
CA ILE B 69 -7.06 26.23 6.53
C ILE B 69 -8.18 26.16 5.48
N HIS B 70 -9.41 26.14 5.97
CA HIS B 70 -10.60 26.08 5.05
C HIS B 70 -10.93 27.45 4.51
N ALA B 71 -10.56 27.72 3.27
CA ALA B 71 -10.74 29.06 2.65
C ALA B 71 -11.92 29.00 1.70
N VAL B 72 -12.90 29.84 1.94
CA VAL B 72 -14.18 29.76 1.15
C VAL B 72 -14.17 30.83 0.06
N GLY B 73 -13.82 30.49 -1.13
CA GLY B 73 -13.98 31.38 -2.28
C GLY B 73 -15.42 31.43 -2.73
N PRO B 74 -15.81 32.49 -3.44
CA PRO B 74 -17.17 32.59 -3.95
C PRO B 74 -17.38 31.58 -5.07
N ASN B 75 -18.65 31.18 -5.18
CA ASN B 75 -19.14 30.47 -6.37
C ASN B 75 -19.65 31.50 -7.38
N PHE B 76 -18.92 31.69 -8.47
CA PHE B 76 -19.27 32.66 -9.52
C PHE B 76 -20.56 32.24 -10.25
N SER B 77 -21.14 31.07 -9.99
CA SER B 77 -22.52 30.74 -10.47
C SER B 77 -23.51 31.58 -9.66
N ASN B 78 -23.17 32.02 -8.48
CA ASN B 78 -24.13 32.70 -7.56
C ASN B 78 -23.79 34.18 -7.46
N TYR B 79 -22.50 34.53 -7.42
CA TYR B 79 -22.01 35.92 -7.27
C TYR B 79 -21.87 36.58 -8.64
N THR B 80 -22.05 37.89 -8.67
CA THR B 80 -21.65 38.70 -9.83
C THR B 80 -20.13 38.74 -9.93
N GLU B 81 -19.64 39.07 -11.09
CA GLU B 81 -18.18 39.26 -11.30
C GLU B 81 -17.64 40.26 -10.27
N SER B 82 -18.31 41.38 -10.04
CA SER B 82 -17.83 42.42 -9.12
C SER B 82 -17.84 41.87 -7.69
N GLU B 83 -18.96 41.31 -7.21
CA GLU B 83 -19.02 40.92 -5.79
C GLU B 83 -18.11 39.72 -5.59
N GLY B 84 -18.07 38.81 -6.53
CA GLY B 84 -17.20 37.63 -6.40
C GLY B 84 -15.75 38.04 -6.38
N ASP B 85 -15.37 39.03 -7.17
CA ASP B 85 -13.95 39.43 -7.20
C ASP B 85 -13.56 39.93 -5.80
N ARG B 86 -14.43 40.67 -5.11
CA ARG B 86 -14.10 41.20 -3.79
C ARG B 86 -14.00 40.03 -2.82
N GLU B 87 -14.90 39.04 -2.89
CA GLU B 87 -14.89 37.93 -1.91
C GLU B 87 -13.71 37.03 -2.16
N LEU B 88 -13.26 36.87 -3.39
CA LEU B 88 -12.12 35.99 -3.72
C LEU B 88 -10.87 36.66 -3.14
N ALA B 89 -10.71 37.96 -3.33
CA ALA B 89 -9.56 38.69 -2.73
C ALA B 89 -9.62 38.52 -1.22
N ALA B 90 -10.77 38.65 -0.60
CA ALA B 90 -10.94 38.57 0.87
C ALA B 90 -10.55 37.18 1.38
N ALA B 91 -10.95 36.12 0.69
CA ALA B 91 -10.64 34.76 1.17
C ALA B 91 -9.13 34.65 1.24
N TYR B 92 -8.44 35.07 0.19
CA TYR B 92 -6.96 34.95 0.20
C TYR B 92 -6.35 35.81 1.33
N ARG B 93 -6.87 36.99 1.58
CA ARG B 93 -6.36 37.82 2.68
C ARG B 93 -6.47 37.11 4.02
N GLU B 94 -7.60 36.44 4.28
N GLU B 94 -7.58 36.41 4.23
CA GLU B 94 -7.80 35.62 5.50
CA GLU B 94 -7.83 35.65 5.46
C GLU B 94 -6.79 34.47 5.50
C GLU B 94 -6.87 34.43 5.51
N VAL B 95 -6.53 33.85 4.37
CA VAL B 95 -5.50 32.79 4.31
C VAL B 95 -4.17 33.40 4.78
N ALA B 96 -3.77 34.56 4.31
CA ALA B 96 -2.46 35.16 4.68
C ALA B 96 -2.44 35.38 6.19
N LYS B 97 -3.50 35.87 6.79
CA LYS B 97 -3.58 36.09 8.24
C LYS B 97 -3.42 34.76 8.98
N GLU B 98 -4.08 33.70 8.53
CA GLU B 98 -4.00 32.38 9.20
C GLU B 98 -2.61 31.82 9.08
N VAL B 99 -2.01 31.86 7.93
CA VAL B 99 -0.64 31.35 7.71
C VAL B 99 0.29 32.11 8.65
N THR B 100 0.12 33.42 8.76
CA THR B 100 0.97 34.25 9.65
C THR B 100 0.74 33.82 11.08
N ARG B 101 -0.50 33.68 11.49
CA ARG B 101 -0.88 33.36 12.87
C ARG B 101 -0.26 32.02 13.25
N LEU B 102 -0.29 31.05 12.36
CA LEU B 102 0.12 29.67 12.65
C LEU B 102 1.65 29.61 12.81
N GLY B 103 2.37 30.54 12.24
CA GLY B 103 3.85 30.55 12.32
C GLY B 103 4.49 29.49 11.45
N VAL B 104 3.78 28.94 10.46
CA VAL B 104 4.36 27.93 9.54
C VAL B 104 5.42 28.57 8.65
N ASN B 105 6.36 27.78 8.18
CA ASN B 105 7.38 28.20 7.22
C ASN B 105 7.02 27.79 5.80
N SER B 106 5.93 27.02 5.62
CA SER B 106 5.48 26.62 4.27
C SER B 106 3.98 26.34 4.30
N VAL B 107 3.37 26.52 3.12
CA VAL B 107 1.89 26.30 2.94
C VAL B 107 1.66 25.82 1.51
N ALA B 108 0.80 24.79 1.38
CA ALA B 108 0.23 24.29 0.13
C ALA B 108 -1.11 24.99 -0.13
N ILE B 109 -1.25 25.56 -1.31
N ILE B 109 -1.20 25.66 -1.28
CA ILE B 109 -2.45 26.38 -1.62
CA ILE B 109 -2.36 26.50 -1.69
C ILE B 109 -2.92 26.11 -3.04
C ILE B 109 -2.91 26.03 -3.04
N PRO B 110 -4.25 25.88 -3.20
CA PRO B 110 -4.84 25.73 -4.54
C PRO B 110 -5.35 27.08 -5.04
N LEU B 111 -5.73 27.16 -6.30
CA LEU B 111 -6.33 28.38 -6.86
C LEU B 111 -7.82 28.38 -6.53
N LEU B 112 -8.21 29.18 -5.57
CA LEU B 112 -9.60 29.31 -5.13
C LEU B 112 -10.45 29.79 -6.32
N SER B 113 -11.66 29.23 -6.33
CA SER B 113 -12.76 29.60 -7.27
C SER B 113 -12.38 29.25 -8.72
N THR B 114 -11.51 28.26 -8.99
CA THR B 114 -11.11 27.90 -10.37
C THR B 114 -11.73 26.58 -10.87
N GLY B 115 -12.39 25.87 -9.99
CA GLY B 115 -13.01 24.57 -10.36
C GLY B 115 -14.51 24.79 -10.54
N VAL B 116 -15.33 24.01 -9.84
CA VAL B 116 -16.81 24.10 -10.01
C VAL B 116 -17.28 25.51 -9.61
N TYR B 117 -16.56 26.23 -8.74
CA TYR B 117 -16.96 27.61 -8.36
C TYR B 117 -16.57 28.65 -9.42
N SER B 118 -15.99 28.29 -10.56
CA SER B 118 -15.58 29.26 -11.59
C SER B 118 -16.73 29.85 -12.42
N GLY B 119 -17.93 29.25 -12.33
CA GLY B 119 -19.02 29.72 -13.18
C GLY B 119 -18.72 29.46 -14.65
N GLY B 120 -17.91 28.44 -14.94
CA GLY B 120 -17.56 28.04 -16.30
C GLY B 120 -16.52 28.92 -16.99
N LYS B 121 -15.85 29.83 -16.26
CA LYS B 121 -14.82 30.73 -16.81
C LYS B 121 -13.42 30.27 -16.37
N ASP B 122 -12.41 30.51 -17.20
CA ASP B 122 -11.00 30.32 -16.84
C ASP B 122 -10.58 31.47 -15.90
N ARG B 123 -10.33 31.14 -14.63
CA ARG B 123 -9.98 32.18 -13.60
C ARG B 123 -8.57 31.97 -13.09
N LEU B 124 -7.70 31.33 -13.87
CA LEU B 124 -6.29 31.16 -13.41
C LEU B 124 -5.66 32.51 -13.08
N THR B 125 -5.67 33.48 -14.00
CA THR B 125 -4.97 34.75 -13.80
C THR B 125 -5.62 35.51 -12.64
N GLN B 126 -6.93 35.56 -12.61
CA GLN B 126 -7.68 36.26 -11.52
C GLN B 126 -7.32 35.65 -10.16
N SER B 127 -7.45 34.35 -10.03
CA SER B 127 -7.24 33.69 -8.73
C SER B 127 -5.77 33.84 -8.33
N LEU B 128 -4.84 33.64 -9.26
CA LEU B 128 -3.41 33.77 -8.92
C LEU B 128 -3.05 35.22 -8.51
N ASN B 129 -3.63 36.21 -9.18
CA ASN B 129 -3.42 37.64 -8.83
C ASN B 129 -3.80 37.86 -7.37
N HIS B 130 -4.98 37.39 -6.97
CA HIS B 130 -5.46 37.59 -5.59
C HIS B 130 -4.57 36.79 -4.61
N LEU B 131 -4.10 35.63 -5.01
CA LEU B 131 -3.18 34.82 -4.20
C LEU B 131 -1.92 35.64 -3.91
N PHE B 132 -1.30 36.16 -4.95
CA PHE B 132 -0.07 36.98 -4.82
C PHE B 132 -0.36 38.21 -3.97
N THR B 133 -1.47 38.91 -4.24
CA THR B 133 -1.80 40.15 -3.51
C THR B 133 -1.74 39.86 -2.00
N ALA B 134 -2.36 38.76 -1.56
CA ALA B 134 -2.44 38.34 -0.14
C ALA B 134 -1.10 37.79 0.35
N MET B 135 -0.46 36.91 -0.39
CA MET B 135 0.65 36.12 0.18
C MET B 135 1.99 36.86 -0.01
N ASP B 136 2.09 37.90 -0.83
CA ASP B 136 3.40 38.51 -1.15
C ASP B 136 4.04 39.04 0.15
N SER B 137 3.24 39.51 1.11
CA SER B 137 3.79 40.14 2.35
C SER B 137 4.07 39.08 3.43
N THR B 138 3.74 37.80 3.18
CA THR B 138 4.04 36.72 4.14
C THR B 138 5.44 36.19 3.81
N ASP B 139 6.05 35.50 4.77
CA ASP B 139 7.39 34.92 4.56
C ASP B 139 7.37 33.41 4.54
N ALA B 140 6.20 32.80 4.36
CA ALA B 140 6.16 31.34 4.17
C ALA B 140 6.57 30.97 2.75
N ASP B 141 7.18 29.80 2.58
CA ASP B 141 7.31 29.22 1.24
C ASP B 141 5.93 28.76 0.79
N VAL B 142 5.48 29.31 -0.33
CA VAL B 142 4.11 29.00 -0.87
C VAL B 142 4.29 28.03 -2.02
N VAL B 143 3.59 26.91 -1.93
CA VAL B 143 3.59 25.90 -3.03
C VAL B 143 2.14 25.81 -3.54
N ILE B 144 1.98 26.27 -4.76
CA ILE B 144 0.69 26.31 -5.47
C ILE B 144 0.49 24.96 -6.15
N TYR B 145 -0.66 24.33 -5.92
CA TYR B 145 -1.00 23.01 -6.50
C TYR B 145 -2.06 23.18 -7.58
N CYS B 146 -1.87 22.47 -8.68
CA CYS B 146 -2.82 22.43 -9.80
C CYS B 146 -2.75 21.02 -10.40
N ARG B 147 -3.70 20.68 -11.26
CA ARG B 147 -3.73 19.34 -11.90
C ARG B 147 -3.44 19.42 -13.40
N ASP B 148 -3.71 20.54 -14.03
CA ASP B 148 -3.65 20.69 -15.50
C ASP B 148 -2.23 21.08 -15.92
N LYS B 149 -1.67 20.39 -16.93
CA LYS B 149 -0.30 20.72 -17.42
C LYS B 149 -0.23 22.14 -17.97
N GLU B 150 -1.24 22.65 -18.68
CA GLU B 150 -1.18 24.01 -19.26
C GLU B 150 -1.22 25.02 -18.10
N TRP B 151 -2.01 24.70 -17.08
CA TRP B 151 -2.11 25.61 -15.90
C TRP B 151 -0.76 25.63 -15.20
N GLU B 152 -0.16 24.47 -15.00
CA GLU B 152 1.19 24.43 -14.37
C GLU B 152 2.16 25.38 -15.11
N LYS B 153 2.19 25.31 -16.44
CA LYS B 153 3.11 26.14 -17.26
C LYS B 153 2.78 27.62 -17.06
N LYS B 154 1.50 27.99 -17.05
CA LYS B 154 1.11 29.42 -16.95
C LYS B 154 1.44 29.94 -15.55
N ILE B 155 1.21 29.12 -14.53
CA ILE B 155 1.50 29.54 -13.14
C ILE B 155 3.00 29.68 -12.99
N SER B 156 3.74 28.71 -13.51
CA SER B 156 5.21 28.75 -13.45
C SER B 156 5.76 30.01 -14.11
N GLU B 157 5.24 30.34 -15.29
CA GLU B 157 5.62 31.56 -16.07
C GLU B 157 5.34 32.78 -15.21
N ALA B 158 4.17 32.83 -14.57
CA ALA B 158 3.73 34.01 -13.79
C ALA B 158 4.71 34.17 -12.63
N ILE B 159 5.10 33.08 -11.98
CA ILE B 159 6.06 33.13 -10.84
C ILE B 159 7.40 33.65 -11.34
N GLN B 160 7.90 33.11 -12.44
CA GLN B 160 9.28 33.40 -12.93
C GLN B 160 9.38 34.85 -13.45
N MET B 161 8.28 35.38 -13.98
CA MET B 161 8.20 36.72 -14.61
C MET B 161 8.49 37.82 -13.57
N ARG B 162 8.29 37.53 -12.29
CA ARG B 162 8.32 38.54 -11.19
C ARG B 162 9.63 38.44 -10.41
N THR B 163 10.45 37.43 -10.69
CA THR B 163 11.71 37.11 -9.97
C THR B 163 12.91 37.48 -10.83
N GLY C 1 18.09 -13.02 -16.61
CA GLY C 1 18.09 -13.32 -15.13
C GLY C 1 19.48 -13.67 -14.63
N ALA C 2 19.77 -13.44 -13.35
CA ALA C 2 20.95 -14.01 -12.68
C ALA C 2 20.84 -15.53 -12.69
N MET C 3 21.95 -16.27 -12.79
CA MET C 3 21.88 -17.74 -12.79
C MET C 3 21.34 -18.28 -11.44
N ALA C 4 21.59 -17.60 -10.34
CA ALA C 4 21.12 -18.00 -9.00
C ALA C 4 20.70 -16.75 -8.25
N PRO C 5 19.50 -16.20 -8.58
CA PRO C 5 19.10 -14.89 -8.06
C PRO C 5 19.28 -14.80 -6.53
N SER C 6 19.92 -13.73 -6.08
CA SER C 6 20.29 -13.55 -4.65
C SER C 6 19.85 -12.18 -4.13
N TYR C 7 19.88 -12.02 -2.83
CA TYR C 7 19.85 -10.74 -2.11
C TYR C 7 21.19 -10.51 -1.41
N ARG C 8 21.68 -9.29 -1.45
CA ARG C 8 22.87 -8.86 -0.70
C ARG C 8 22.60 -7.48 -0.14
N VAL C 9 23.33 -7.14 0.89
CA VAL C 9 23.29 -5.76 1.42
C VAL C 9 24.71 -5.22 1.46
N LYS C 10 24.82 -3.94 1.19
CA LYS C 10 26.09 -3.20 1.24
C LYS C 10 25.88 -1.88 1.97
N ARG C 11 26.81 -1.59 2.86
CA ARG C 11 26.85 -0.28 3.56
C ARG C 11 27.76 0.62 2.71
N MET C 12 27.17 1.34 1.76
CA MET C 12 27.93 2.03 0.70
C MET C 12 26.98 3.05 0.05
N ASP C 13 27.53 4.07 -0.60
CA ASP C 13 26.76 5.05 -1.39
C ASP C 13 26.15 4.34 -2.60
N ILE C 14 24.83 4.32 -2.72
CA ILE C 14 24.13 3.69 -3.85
C ILE C 14 24.53 4.39 -5.15
N ALA C 15 25.02 5.63 -5.07
CA ALA C 15 25.43 6.36 -6.29
C ALA C 15 26.71 5.75 -6.87
N LYS C 16 27.38 4.86 -6.13
N LYS C 16 27.39 4.87 -6.13
CA LYS C 16 28.61 4.14 -6.56
CA LYS C 16 28.60 4.14 -6.57
C LYS C 16 28.32 2.64 -6.69
C LYS C 16 28.31 2.64 -6.68
N ASN C 17 27.07 2.26 -6.93
CA ASN C 17 26.71 0.82 -7.02
C ASN C 17 27.43 0.10 -8.17
N ASP C 18 27.45 -1.22 -8.07
CA ASP C 18 28.04 -2.16 -9.05
C ASP C 18 26.99 -2.97 -9.79
N GLU C 19 25.76 -2.46 -9.90
CA GLU C 19 24.66 -3.17 -10.56
C GLU C 19 24.24 -2.52 -11.88
N GLU C 20 23.37 -3.20 -12.61
CA GLU C 20 22.99 -2.79 -14.00
C GLU C 20 21.97 -1.65 -14.03
N CYS C 21 21.40 -1.30 -12.88
CA CYS C 21 20.43 -0.20 -12.76
C CYS C 21 20.25 0.15 -11.29
N VAL C 22 19.70 1.33 -11.04
CA VAL C 22 19.51 1.83 -9.67
C VAL C 22 18.06 2.24 -9.48
N VAL C 23 17.61 2.03 -8.24
CA VAL C 23 16.31 2.56 -7.78
C VAL C 23 16.61 3.80 -7.00
N ASN C 24 15.96 4.90 -7.43
CA ASN C 24 15.99 6.17 -6.68
C ASN C 24 14.79 6.23 -5.72
N ALA C 25 15.08 6.71 -4.53
CA ALA C 25 14.01 7.05 -3.56
C ALA C 25 13.53 8.46 -3.92
N ALA C 26 12.69 8.51 -4.96
CA ALA C 26 12.20 9.68 -5.69
C ALA C 26 11.11 10.42 -4.90
N ASN C 27 10.87 11.67 -5.34
CA ASN C 27 9.71 12.48 -4.90
C ASN C 27 8.79 12.65 -6.08
N PRO C 28 7.49 12.95 -5.85
CA PRO C 28 6.51 12.86 -6.92
C PRO C 28 6.71 13.78 -8.14
N ARG C 29 7.30 14.95 -7.96
CA ARG C 29 7.51 15.90 -9.09
C ARG C 29 8.98 15.86 -9.53
N GLY C 30 9.70 14.79 -9.20
CA GLY C 30 10.98 14.52 -9.88
C GLY C 30 12.01 15.57 -9.60
N LEU C 31 12.04 16.09 -8.38
CA LEU C 31 12.97 17.16 -7.96
C LEU C 31 14.18 16.53 -7.31
N PRO C 32 15.34 17.24 -7.28
CA PRO C 32 16.55 16.71 -6.65
C PRO C 32 16.42 16.15 -5.22
N GLY C 33 15.52 16.70 -4.42
CA GLY C 33 15.19 16.03 -3.15
C GLY C 33 16.33 16.05 -2.16
N ASP C 34 16.36 15.05 -1.27
CA ASP C 34 17.30 14.90 -0.12
C ASP C 34 17.79 13.47 -0.05
N GLY C 35 18.81 13.21 0.76
CA GLY C 35 19.31 11.84 1.02
C GLY C 35 19.70 11.12 -0.26
N VAL C 36 19.24 9.88 -0.41
CA VAL C 36 19.49 9.04 -1.62
C VAL C 36 19.15 9.85 -2.87
N CYS C 37 18.01 10.53 -2.88
CA CYS C 37 17.50 11.24 -4.08
C CYS C 37 18.53 12.28 -4.56
N LYS C 38 19.11 13.02 -3.60
CA LYS C 38 20.16 14.05 -3.85
C LYS C 38 21.38 13.38 -4.49
N ALA C 39 21.86 12.29 -3.88
CA ALA C 39 23.04 11.51 -4.36
C ALA C 39 22.77 11.02 -5.80
N VAL C 40 21.58 10.52 -6.05
CA VAL C 40 21.17 10.04 -7.39
C VAL C 40 21.17 11.24 -8.35
N TYR C 41 20.67 12.39 -7.91
CA TYR C 41 20.62 13.63 -8.75
C TYR C 41 22.03 14.03 -9.14
N LYS C 42 22.96 13.96 -8.21
CA LYS C 42 24.38 14.38 -8.41
C LYS C 42 25.00 13.42 -9.44
N LYS C 43 24.71 12.13 -9.36
CA LYS C 43 25.40 11.12 -10.20
C LYS C 43 24.73 11.01 -11.56
N TRP C 44 23.40 11.08 -11.61
CA TRP C 44 22.63 10.83 -12.84
C TRP C 44 21.61 11.93 -13.08
N PRO C 45 22.01 13.21 -13.21
CA PRO C 45 21.01 14.27 -13.36
C PRO C 45 20.12 14.19 -14.61
N GLU C 46 20.65 13.70 -15.72
CA GLU C 46 19.90 13.50 -16.96
C GLU C 46 18.69 12.59 -16.75
N SER C 47 18.75 11.70 -15.74
CA SER C 47 17.66 10.77 -15.43
C SER C 47 16.47 11.49 -14.78
N PHE C 48 16.61 12.79 -14.46
CA PHE C 48 15.49 13.58 -13.85
C PHE C 48 14.66 14.35 -14.89
N LYS C 49 15.02 14.18 -16.15
CA LYS C 49 14.24 14.70 -17.30
C LYS C 49 12.87 14.00 -17.24
N ASN C 50 11.83 14.72 -16.83
CA ASN C 50 10.44 14.19 -16.84
C ASN C 50 10.38 12.94 -15.94
N SER C 51 11.04 12.96 -14.78
CA SER C 51 11.05 11.82 -13.83
C SER C 51 9.83 11.84 -12.89
N ALA C 52 8.90 12.78 -13.05
CA ALA C 52 7.76 12.93 -12.11
C ALA C 52 6.87 11.71 -12.23
N THR C 53 6.38 11.14 -11.10
CA THR C 53 5.47 9.99 -11.14
C THR C 53 4.74 10.03 -9.79
N PRO C 54 3.50 9.54 -9.74
CA PRO C 54 2.71 9.59 -8.50
C PRO C 54 3.29 8.77 -7.36
N VAL C 55 2.94 9.17 -6.15
CA VAL C 55 3.16 8.30 -4.94
C VAL C 55 2.65 6.91 -5.26
N GLY C 56 3.42 5.88 -4.88
CA GLY C 56 3.08 4.48 -5.07
C GLY C 56 3.45 3.89 -6.42
N THR C 57 4.20 4.65 -7.23
CA THR C 57 4.57 4.25 -8.60
C THR C 57 6.07 4.35 -8.77
N ALA C 58 6.51 3.81 -9.92
CA ALA C 58 7.93 3.93 -10.30
C ALA C 58 7.95 4.28 -11.77
N LYS C 59 8.93 5.11 -12.13
CA LYS C 59 9.14 5.57 -13.52
C LYS C 59 10.64 5.48 -13.84
N THR C 60 10.99 4.77 -14.92
CA THR C 60 12.41 4.64 -15.33
C THR C 60 12.79 5.71 -16.34
N VAL C 61 13.85 6.42 -16.07
CA VAL C 61 14.48 7.33 -17.06
C VAL C 61 15.94 6.94 -17.19
N MET C 62 16.42 6.86 -18.43
CA MET C 62 17.81 6.46 -18.73
C MET C 62 18.74 7.67 -18.55
N CYS C 63 19.92 7.46 -17.96
CA CYS C 63 21.04 8.40 -17.93
C CYS C 63 22.09 7.78 -18.88
N GLY C 64 22.13 8.24 -20.13
CA GLY C 64 22.86 7.49 -21.18
C GLY C 64 22.11 6.20 -21.46
N THR C 65 22.67 5.03 -21.16
CA THR C 65 21.94 3.76 -21.22
C THR C 65 21.74 3.18 -19.80
N TYR C 66 22.10 3.91 -18.76
CA TYR C 66 22.03 3.40 -17.37
C TYR C 66 20.64 3.73 -16.81
N PRO C 67 19.79 2.72 -16.50
CA PRO C 67 18.42 2.99 -16.07
C PRO C 67 18.39 3.41 -14.61
N VAL C 68 17.68 4.53 -14.40
CA VAL C 68 17.31 5.02 -13.05
C VAL C 68 15.82 4.81 -12.89
N ILE C 69 15.44 3.94 -11.94
CA ILE C 69 14.04 3.64 -11.60
C ILE C 69 13.61 4.54 -10.46
N HIS C 70 12.84 5.61 -10.76
CA HIS C 70 12.41 6.59 -9.76
C HIS C 70 11.14 6.08 -9.07
N ALA C 71 11.33 5.60 -7.86
CA ALA C 71 10.26 4.95 -7.07
C ALA C 71 9.85 5.92 -5.98
N VAL C 72 8.54 6.23 -5.98
CA VAL C 72 8.02 7.22 -5.00
C VAL C 72 7.25 6.49 -3.88
N GLY C 73 7.92 6.33 -2.75
CA GLY C 73 7.28 5.79 -1.54
C GLY C 73 6.46 6.89 -0.88
N PRO C 74 5.55 6.49 0.01
CA PRO C 74 4.82 7.49 0.78
C PRO C 74 5.75 8.18 1.76
N ASN C 75 5.42 9.43 2.02
CA ASN C 75 6.03 10.19 3.12
C ASN C 75 5.11 10.04 4.34
N PHE C 76 5.57 9.33 5.35
CA PHE C 76 4.78 9.01 6.56
C PHE C 76 4.68 10.23 7.46
N SER C 77 5.31 11.35 7.11
CA SER C 77 4.94 12.62 7.78
C SER C 77 3.52 13.07 7.36
N ASN C 78 3.09 12.68 6.14
CA ASN C 78 1.83 13.05 5.40
C ASN C 78 0.82 11.89 5.43
N TYR C 79 1.29 10.66 5.52
CA TYR C 79 0.45 9.47 5.29
C TYR C 79 0.16 8.78 6.62
N THR C 80 -1.06 8.30 6.80
CA THR C 80 -1.38 7.45 7.98
C THR C 80 -0.59 6.15 7.86
N GLU C 81 -0.43 5.42 8.95
CA GLU C 81 0.18 4.08 8.89
C GLU C 81 -0.58 3.20 7.91
N SER C 82 -1.90 3.20 7.94
CA SER C 82 -2.68 2.34 7.04
C SER C 82 -2.48 2.71 5.57
N GLU C 83 -2.66 3.98 5.22
CA GLU C 83 -2.66 4.35 3.79
C GLU C 83 -1.21 4.29 3.31
N GLY C 84 -0.27 4.63 4.16
CA GLY C 84 1.15 4.60 3.73
C GLY C 84 1.60 3.17 3.55
N ASP C 85 1.18 2.22 4.38
CA ASP C 85 1.61 0.82 4.19
C ASP C 85 1.20 0.37 2.79
N ARG C 86 0.00 0.67 2.32
CA ARG C 86 -0.43 0.22 0.98
C ARG C 86 0.39 0.89 -0.11
N GLU C 87 0.70 2.16 0.03
CA GLU C 87 1.45 2.88 -1.02
C GLU C 87 2.91 2.40 -1.04
N LEU C 88 3.47 2.00 0.10
CA LEU C 88 4.87 1.51 0.11
C LEU C 88 4.91 0.17 -0.59
N ALA C 89 3.98 -0.72 -0.30
CA ALA C 89 3.88 -2.00 -1.01
C ALA C 89 3.76 -1.77 -2.52
N ALA C 90 2.95 -0.81 -2.94
CA ALA C 90 2.67 -0.55 -4.37
C ALA C 90 3.94 -0.04 -5.04
N ALA C 91 4.65 0.85 -4.38
CA ALA C 91 5.90 1.40 -4.95
C ALA C 91 6.85 0.26 -5.26
N TYR C 92 7.09 -0.62 -4.29
CA TYR C 92 7.98 -1.76 -4.56
C TYR C 92 7.46 -2.68 -5.68
N ARG C 93 6.15 -2.92 -5.76
N ARG C 93 6.15 -2.89 -5.78
CA ARG C 93 5.59 -3.73 -6.87
CA ARG C 93 5.61 -3.75 -6.86
C ARG C 93 5.98 -3.06 -8.19
C ARG C 93 5.87 -3.08 -8.22
N GLU C 94 5.87 -1.75 -8.27
CA GLU C 94 6.22 -1.03 -9.52
C GLU C 94 7.71 -1.16 -9.78
N VAL C 95 8.55 -1.16 -8.76
CA VAL C 95 10.00 -1.41 -8.96
C VAL C 95 10.19 -2.78 -9.58
N ALA C 96 9.50 -3.81 -9.06
CA ALA C 96 9.64 -5.17 -9.60
C ALA C 96 9.22 -5.21 -11.06
N LYS C 97 8.13 -4.54 -11.44
CA LYS C 97 7.71 -4.45 -12.85
C LYS C 97 8.79 -3.76 -13.70
N GLU C 98 9.33 -2.66 -13.21
CA GLU C 98 10.36 -1.92 -13.99
C GLU C 98 11.61 -2.76 -14.15
N VAL C 99 12.12 -3.34 -13.07
CA VAL C 99 13.31 -4.23 -13.20
C VAL C 99 13.05 -5.34 -14.20
N THR C 100 11.88 -5.96 -14.16
CA THR C 100 11.52 -7.06 -15.08
C THR C 100 11.52 -6.49 -16.53
N ARG C 101 10.88 -5.37 -16.72
CA ARG C 101 10.68 -4.78 -18.05
C ARG C 101 12.07 -4.54 -18.66
N LEU C 102 13.00 -4.05 -17.86
CA LEU C 102 14.33 -3.67 -18.38
C LEU C 102 15.16 -4.90 -18.77
N GLY C 103 14.90 -6.06 -18.19
CA GLY C 103 15.68 -7.28 -18.49
C GLY C 103 17.03 -7.31 -17.77
N VAL C 104 17.23 -6.46 -16.79
CA VAL C 104 18.54 -6.39 -16.07
C VAL C 104 18.73 -7.70 -15.29
N ASN C 105 19.99 -8.01 -15.03
CA ASN C 105 20.37 -9.17 -14.19
C ASN C 105 20.67 -8.71 -12.78
N SER C 106 20.71 -7.40 -12.51
CA SER C 106 20.96 -6.89 -11.16
C SER C 106 20.39 -5.50 -10.98
N VAL C 107 20.14 -5.16 -9.72
CA VAL C 107 19.52 -3.86 -9.38
C VAL C 107 20.04 -3.44 -8.02
N ALA C 108 20.39 -2.18 -7.84
CA ALA C 108 20.76 -1.51 -6.57
C ALA C 108 19.52 -0.81 -6.05
N ILE C 109 19.12 -1.12 -4.82
N ILE C 109 19.17 -1.04 -4.79
CA ILE C 109 17.86 -0.60 -4.21
CA ILE C 109 17.87 -0.55 -4.25
C ILE C 109 18.17 -0.03 -2.83
C ILE C 109 18.07 -0.08 -2.81
N PRO C 110 17.54 1.12 -2.48
CA PRO C 110 17.54 1.59 -1.12
C PRO C 110 16.21 1.17 -0.46
N LEU C 111 16.15 1.25 0.85
CA LEU C 111 14.89 0.96 1.59
C LEU C 111 13.99 2.21 1.55
N LEU C 112 12.97 2.10 0.73
CA LEU C 112 11.99 3.19 0.50
C LEU C 112 11.32 3.56 1.82
N SER C 113 11.05 4.84 1.96
CA SER C 113 10.30 5.44 3.06
C SER C 113 11.02 5.26 4.38
N THR C 114 12.37 5.14 4.43
CA THR C 114 13.10 4.95 5.71
C THR C 114 13.93 6.16 6.13
N GLY C 115 14.02 7.20 5.31
CA GLY C 115 14.83 8.40 5.63
C GLY C 115 13.88 9.53 5.98
N VAL C 116 13.94 10.63 5.22
CA VAL C 116 13.07 11.83 5.44
C VAL C 116 11.60 11.42 5.36
N TYR C 117 11.28 10.34 4.61
CA TYR C 117 9.87 9.91 4.41
C TYR C 117 9.48 8.96 5.55
N SER C 118 10.33 8.71 6.55
CA SER C 118 9.93 7.76 7.62
C SER C 118 8.92 8.33 8.62
N GLY C 119 8.68 9.63 8.63
CA GLY C 119 7.86 10.23 9.69
C GLY C 119 8.48 10.07 11.06
N GLY C 120 9.79 9.92 11.14
CA GLY C 120 10.52 9.75 12.42
C GLY C 120 10.45 8.34 13.01
N LYS C 121 9.93 7.34 12.29
CA LYS C 121 9.79 5.95 12.83
C LYS C 121 10.86 5.08 12.18
N ASP C 122 11.30 4.05 12.90
CA ASP C 122 12.19 2.99 12.37
C ASP C 122 11.37 2.09 11.46
N ARG C 123 11.64 2.13 10.16
CA ARG C 123 10.81 1.35 9.18
C ARG C 123 11.65 0.30 8.46
N LEU C 124 12.78 -0.13 9.04
CA LEU C 124 13.65 -1.13 8.36
C LEU C 124 12.84 -2.38 8.02
N THR C 125 12.21 -3.01 9.04
CA THR C 125 11.49 -4.28 8.83
C THR C 125 10.34 -4.09 7.87
N GLN C 126 9.57 -3.01 8.06
CA GLN C 126 8.41 -2.75 7.18
C GLN C 126 8.86 -2.62 5.72
N SER C 127 9.84 -1.78 5.50
CA SER C 127 10.31 -1.47 4.13
C SER C 127 10.90 -2.74 3.52
N LEU C 128 11.70 -3.46 4.32
CA LEU C 128 12.39 -4.66 3.79
C LEU C 128 11.38 -5.74 3.47
N ASN C 129 10.33 -5.86 4.30
CA ASN C 129 9.27 -6.86 4.08
C ASN C 129 8.58 -6.56 2.74
N HIS C 130 8.25 -5.31 2.47
CA HIS C 130 7.59 -4.96 1.21
C HIS C 130 8.57 -5.21 0.05
N LEU C 131 9.85 -4.92 0.24
CA LEU C 131 10.86 -5.15 -0.82
C LEU C 131 10.87 -6.62 -1.20
N PHE C 132 10.95 -7.49 -0.19
CA PHE C 132 10.95 -8.94 -0.48
C PHE C 132 9.64 -9.36 -1.17
N THR C 133 8.48 -8.87 -0.68
CA THR C 133 7.18 -9.27 -1.24
C THR C 133 7.18 -8.99 -2.74
N ALA C 134 7.76 -7.86 -3.16
CA ALA C 134 7.76 -7.47 -4.58
C ALA C 134 8.87 -8.19 -5.36
N MET C 135 10.06 -8.28 -4.77
CA MET C 135 11.24 -8.73 -5.54
C MET C 135 11.43 -10.24 -5.50
N ASP C 136 10.77 -10.98 -4.61
CA ASP C 136 11.05 -12.43 -4.52
C ASP C 136 10.70 -13.13 -5.81
N SER C 137 9.75 -12.62 -6.61
CA SER C 137 9.35 -13.29 -7.86
C SER C 137 10.19 -12.81 -9.05
N THR C 138 11.13 -11.91 -8.85
CA THR C 138 12.06 -11.45 -9.90
C THR C 138 13.31 -12.30 -9.86
N ASP C 139 14.03 -12.37 -10.98
CA ASP C 139 15.28 -13.14 -11.11
C ASP C 139 16.50 -12.26 -11.20
N ALA C 140 16.39 -10.99 -10.83
CA ALA C 140 17.58 -10.11 -10.77
C ALA C 140 18.29 -10.31 -9.45
N ASP C 141 19.61 -10.21 -9.46
CA ASP C 141 20.38 -10.04 -8.22
C ASP C 141 20.01 -8.69 -7.62
N VAL C 142 19.58 -8.67 -6.37
CA VAL C 142 19.14 -7.46 -5.68
C VAL C 142 20.20 -7.10 -4.68
N VAL C 143 20.71 -5.88 -4.71
CA VAL C 143 21.75 -5.40 -3.76
C VAL C 143 21.14 -4.20 -3.04
N ILE C 144 20.90 -4.34 -1.76
CA ILE C 144 20.29 -3.27 -0.92
C ILE C 144 21.42 -2.39 -0.40
N TYR C 145 21.28 -1.08 -0.50
CA TYR C 145 22.30 -0.11 -0.06
C TYR C 145 21.81 0.59 1.19
N CYS C 146 22.63 0.64 2.20
CA CYS C 146 22.31 1.39 3.45
C CYS C 146 23.55 2.17 3.90
N ARG C 147 23.39 2.99 4.95
CA ARG C 147 24.45 3.88 5.50
C ARG C 147 24.80 3.50 6.95
N ASP C 148 23.87 2.94 7.70
CA ASP C 148 24.04 2.69 9.17
C ASP C 148 24.55 1.28 9.39
N LYS C 149 25.55 1.10 10.24
CA LYS C 149 26.12 -0.24 10.52
C LYS C 149 25.10 -1.17 11.20
N GLU C 150 24.22 -0.66 12.05
CA GLU C 150 23.20 -1.50 12.75
C GLU C 150 22.14 -1.98 11.73
N TRP C 151 21.81 -1.13 10.78
CA TRP C 151 20.84 -1.47 9.68
C TRP C 151 21.48 -2.54 8.80
N GLU C 152 22.76 -2.38 8.43
CA GLU C 152 23.47 -3.39 7.63
C GLU C 152 23.34 -4.76 8.32
N LYS C 153 23.63 -4.84 9.61
CA LYS C 153 23.56 -6.13 10.33
C LYS C 153 22.15 -6.71 10.34
N LYS C 154 21.14 -5.89 10.62
CA LYS C 154 19.71 -6.32 10.68
C LYS C 154 19.22 -6.75 9.29
N ILE C 155 19.60 -6.01 8.25
CA ILE C 155 19.21 -6.44 6.86
C ILE C 155 19.90 -7.76 6.50
N SER C 156 21.18 -7.87 6.81
CA SER C 156 21.97 -9.08 6.50
C SER C 156 21.33 -10.25 7.23
N GLU C 157 20.94 -10.05 8.50
CA GLU C 157 20.28 -11.12 9.29
C GLU C 157 18.99 -11.56 8.63
N ALA C 158 18.16 -10.61 8.20
CA ALA C 158 16.86 -10.90 7.56
C ALA C 158 17.06 -11.72 6.27
N ILE C 159 18.08 -11.38 5.49
CA ILE C 159 18.37 -12.08 4.20
C ILE C 159 18.79 -13.52 4.55
N GLN C 160 19.71 -13.65 5.48
CA GLN C 160 20.33 -14.98 5.74
C GLN C 160 19.30 -15.88 6.42
N MET C 161 18.36 -15.34 7.18
CA MET C 161 17.25 -16.10 7.84
C MET C 161 16.45 -16.96 6.86
N ARG C 162 16.34 -16.51 5.61
CA ARG C 162 15.51 -17.16 4.56
C ARG C 162 16.36 -18.04 3.64
N THR C 163 17.67 -18.18 3.92
CA THR C 163 18.60 -19.05 3.15
C THR C 163 19.06 -20.22 4.03
N PRO D 5 3.26 -38.95 -25.77
CA PRO D 5 2.85 -38.88 -24.35
C PRO D 5 1.34 -39.08 -24.17
N SER D 6 0.93 -39.22 -22.91
N SER D 6 0.94 -39.39 -22.93
CA SER D 6 -0.46 -39.50 -22.43
CA SER D 6 -0.48 -39.44 -22.49
C SER D 6 -0.82 -38.59 -21.25
C SER D 6 -0.71 -38.32 -21.47
N TYR D 7 -1.96 -37.90 -21.32
CA TYR D 7 -2.34 -36.85 -20.35
C TYR D 7 -3.53 -37.29 -19.52
N ARG D 8 -3.42 -37.08 -18.20
CA ARG D 8 -4.51 -37.20 -17.21
C ARG D 8 -4.51 -35.97 -16.31
N VAL D 9 -5.62 -35.74 -15.63
CA VAL D 9 -5.72 -34.69 -14.58
C VAL D 9 -6.20 -35.35 -13.31
N LYS D 10 -5.65 -34.90 -12.18
CA LYS D 10 -6.03 -35.33 -10.82
C LYS D 10 -6.28 -34.06 -10.01
N ARG D 11 -7.38 -34.06 -9.26
CA ARG D 11 -7.71 -33.00 -8.30
C ARG D 11 -7.20 -33.50 -6.96
N MET D 12 -5.93 -33.22 -6.70
CA MET D 12 -5.28 -33.63 -5.45
C MET D 12 -3.96 -32.89 -5.32
N ASP D 13 -3.39 -32.94 -4.12
CA ASP D 13 -2.13 -32.25 -3.77
C ASP D 13 -1.03 -32.92 -4.58
N ILE D 14 -0.30 -32.15 -5.39
CA ILE D 14 0.81 -32.71 -6.22
C ILE D 14 1.90 -33.27 -5.28
N ALA D 15 1.96 -32.84 -4.03
CA ALA D 15 2.93 -33.35 -3.04
C ALA D 15 2.61 -34.81 -2.77
N LYS D 16 1.44 -35.32 -3.16
CA LYS D 16 1.08 -36.75 -2.95
C LYS D 16 0.93 -37.48 -4.29
N ASN D 17 1.66 -37.04 -5.32
CA ASN D 17 1.54 -37.61 -6.68
C ASN D 17 2.02 -39.06 -6.75
N ASP D 18 1.59 -39.76 -7.76
CA ASP D 18 1.90 -41.19 -7.99
C ASP D 18 2.83 -41.32 -9.19
N GLU D 19 3.65 -40.31 -9.53
CA GLU D 19 4.51 -40.35 -10.72
C GLU D 19 5.99 -40.41 -10.33
N GLU D 20 6.85 -40.65 -11.31
CA GLU D 20 8.31 -40.87 -11.07
C GLU D 20 9.05 -39.57 -10.75
N CYS D 21 8.48 -38.40 -11.02
CA CYS D 21 9.13 -37.13 -10.70
C CYS D 21 8.04 -36.07 -10.63
N VAL D 22 8.41 -34.91 -10.11
CA VAL D 22 7.46 -33.80 -9.90
C VAL D 22 8.07 -32.53 -10.44
N VAL D 23 7.21 -31.71 -11.03
CA VAL D 23 7.54 -30.34 -11.41
C VAL D 23 7.02 -29.39 -10.33
N ASN D 24 7.92 -28.60 -9.77
CA ASN D 24 7.61 -27.53 -8.83
C ASN D 24 7.26 -26.27 -9.60
N ALA D 25 6.22 -25.59 -9.16
CA ALA D 25 5.95 -24.20 -9.62
C ALA D 25 6.78 -23.27 -8.75
N ALA D 26 8.05 -23.18 -9.11
CA ALA D 26 9.08 -22.58 -8.25
C ALA D 26 9.12 -21.06 -8.38
N ASN D 27 9.79 -20.42 -7.46
CA ASN D 27 10.18 -19.00 -7.58
C ASN D 27 11.64 -18.99 -8.00
N PRO D 28 12.17 -17.86 -8.51
CA PRO D 28 13.53 -17.86 -9.04
C PRO D 28 14.60 -18.03 -7.96
N ARG D 29 14.20 -17.82 -6.69
CA ARG D 29 15.16 -17.69 -5.56
C ARG D 29 15.29 -18.99 -4.80
N GLY D 30 14.52 -20.03 -5.16
CA GLY D 30 14.52 -21.27 -4.36
C GLY D 30 13.96 -21.09 -2.99
N LEU D 31 13.09 -20.10 -2.77
CA LEU D 31 12.41 -19.90 -1.49
C LEU D 31 11.27 -20.87 -1.34
N PRO D 32 10.82 -21.17 -0.09
CA PRO D 32 9.66 -22.02 0.14
C PRO D 32 8.35 -21.55 -0.50
N GLY D 33 8.15 -20.24 -0.61
CA GLY D 33 7.04 -19.70 -1.41
C GLY D 33 5.65 -20.01 -0.87
N ASP D 34 4.69 -20.14 -1.78
CA ASP D 34 3.24 -20.36 -1.49
C ASP D 34 2.66 -21.40 -2.44
N GLY D 35 1.42 -21.81 -2.21
CA GLY D 35 0.71 -22.74 -3.09
C GLY D 35 1.49 -24.03 -3.30
N VAL D 36 1.61 -24.41 -4.55
CA VAL D 36 2.31 -25.65 -4.95
C VAL D 36 3.71 -25.63 -4.34
N CYS D 37 4.43 -24.52 -4.47
CA CYS D 37 5.84 -24.43 -4.08
C CYS D 37 5.99 -24.77 -2.59
N LYS D 38 5.08 -24.23 -1.75
CA LYS D 38 5.13 -24.47 -0.29
C LYS D 38 4.88 -25.97 -0.01
N ALA D 39 3.97 -26.59 -0.75
CA ALA D 39 3.64 -28.04 -0.58
C ALA D 39 4.88 -28.86 -0.96
N VAL D 40 5.56 -28.47 -2.01
CA VAL D 40 6.76 -29.14 -2.53
C VAL D 40 7.85 -28.95 -1.48
N TYR D 41 7.95 -27.72 -0.91
CA TYR D 41 8.94 -27.45 0.14
C TYR D 41 8.71 -28.37 1.36
N LYS D 42 7.45 -28.57 1.75
CA LYS D 42 7.15 -29.40 2.96
C LYS D 42 7.43 -30.87 2.66
N LYS D 43 7.24 -31.33 1.43
CA LYS D 43 7.38 -32.77 1.09
C LYS D 43 8.82 -33.10 0.74
N TRP D 44 9.52 -32.21 0.03
CA TRP D 44 10.84 -32.52 -0.54
C TRP D 44 11.81 -31.37 -0.23
N PRO D 45 11.97 -30.95 1.05
CA PRO D 45 12.80 -29.78 1.35
C PRO D 45 14.24 -29.90 0.89
N GLU D 46 14.80 -31.11 0.86
CA GLU D 46 16.20 -31.32 0.42
C GLU D 46 16.38 -30.89 -1.03
N SER D 47 15.29 -30.90 -1.83
CA SER D 47 15.38 -30.51 -3.26
C SER D 47 15.55 -29.01 -3.45
N PHE D 48 15.52 -28.23 -2.35
CA PHE D 48 15.72 -26.76 -2.48
C PHE D 48 17.20 -26.33 -2.34
N LYS D 49 18.11 -27.30 -2.23
CA LYS D 49 19.56 -27.00 -2.17
C LYS D 49 19.99 -26.51 -3.55
N ASN D 50 20.34 -25.22 -3.65
CA ASN D 50 20.77 -24.60 -4.92
C ASN D 50 19.71 -24.83 -6.00
N SER D 51 18.43 -24.66 -5.65
CA SER D 51 17.33 -24.74 -6.66
C SER D 51 17.08 -23.39 -7.36
N ALA D 52 17.64 -22.29 -6.90
CA ALA D 52 17.48 -20.96 -7.53
C ALA D 52 17.83 -21.05 -9.00
N THR D 53 17.05 -20.43 -9.88
CA THR D 53 17.24 -20.52 -11.33
C THR D 53 16.42 -19.40 -11.94
N PRO D 54 16.78 -18.89 -13.13
CA PRO D 54 16.05 -17.76 -13.67
C PRO D 54 14.65 -18.09 -14.18
N VAL D 55 13.87 -17.02 -14.37
CA VAL D 55 12.56 -17.19 -15.04
C VAL D 55 12.76 -17.83 -16.40
N GLY D 56 11.87 -18.74 -16.75
CA GLY D 56 11.84 -19.43 -18.04
C GLY D 56 12.77 -20.61 -18.08
N THR D 57 13.27 -21.04 -16.93
CA THR D 57 14.22 -22.18 -16.83
C THR D 57 13.69 -23.24 -15.87
N ALA D 58 14.28 -24.42 -15.98
CA ALA D 58 14.01 -25.52 -15.05
C ALA D 58 15.35 -25.98 -14.47
N LYS D 59 15.33 -26.32 -13.20
CA LYS D 59 16.55 -26.87 -12.54
C LYS D 59 16.11 -28.05 -11.69
N THR D 60 16.66 -29.22 -11.99
CA THR D 60 16.28 -30.48 -11.30
C THR D 60 17.23 -30.71 -10.13
N VAL D 61 16.65 -30.91 -8.97
CA VAL D 61 17.40 -31.30 -7.75
C VAL D 61 16.75 -32.55 -7.23
N MET D 62 17.58 -33.54 -6.87
CA MET D 62 17.04 -34.79 -6.29
C MET D 62 16.71 -34.61 -4.80
N CYS D 63 15.63 -35.26 -4.37
CA CYS D 63 15.34 -35.50 -2.96
C CYS D 63 15.46 -37.01 -2.78
N GLY D 64 16.56 -37.45 -2.18
CA GLY D 64 16.89 -38.89 -2.30
C GLY D 64 17.17 -39.21 -3.73
N THR D 65 16.42 -40.11 -4.36
CA THR D 65 16.50 -40.37 -5.80
C THR D 65 15.26 -39.83 -6.55
N TYR D 66 14.44 -39.07 -5.86
CA TYR D 66 13.17 -38.57 -6.45
C TYR D 66 13.47 -37.20 -7.09
N PRO D 67 13.34 -37.04 -8.41
CA PRO D 67 13.64 -35.76 -9.05
C PRO D 67 12.55 -34.70 -8.86
N VAL D 68 12.97 -33.52 -8.40
CA VAL D 68 12.11 -32.31 -8.31
C VAL D 68 12.62 -31.37 -9.39
N ILE D 69 11.78 -31.12 -10.40
CA ILE D 69 12.12 -30.25 -11.53
C ILE D 69 11.58 -28.87 -11.16
N HIS D 70 12.41 -27.98 -10.69
CA HIS D 70 11.95 -26.63 -10.31
C HIS D 70 11.80 -25.80 -11.57
N ALA D 71 10.57 -25.46 -11.94
CA ALA D 71 10.26 -24.74 -13.18
C ALA D 71 9.78 -23.35 -12.82
N VAL D 72 10.44 -22.32 -13.32
CA VAL D 72 10.13 -20.94 -12.89
C VAL D 72 9.32 -20.25 -14.00
N GLY D 73 8.02 -20.23 -13.83
CA GLY D 73 7.12 -19.50 -14.75
C GLY D 73 7.21 -18.04 -14.41
N PRO D 74 6.85 -17.16 -15.38
CA PRO D 74 6.83 -15.74 -15.11
C PRO D 74 5.71 -15.33 -14.16
N ASN D 75 5.99 -14.31 -13.38
CA ASN D 75 4.93 -13.63 -12.60
C ASN D 75 4.33 -12.53 -13.50
N PHE D 76 3.10 -12.74 -13.92
CA PHE D 76 2.46 -11.75 -14.81
C PHE D 76 2.12 -10.45 -14.09
N SER D 77 2.29 -10.35 -12.78
CA SER D 77 2.29 -9.01 -12.15
C SER D 77 3.51 -8.20 -12.56
N ASN D 78 4.59 -8.86 -12.97
CA ASN D 78 5.86 -8.17 -13.30
C ASN D 78 6.05 -8.08 -14.82
N TYR D 79 5.69 -9.13 -15.54
CA TYR D 79 5.91 -9.26 -16.98
C TYR D 79 4.72 -8.69 -17.74
N THR D 80 5.00 -8.14 -18.91
CA THR D 80 3.92 -7.92 -19.90
C THR D 80 3.32 -9.22 -20.38
N GLU D 81 2.11 -9.13 -20.96
CA GLU D 81 1.51 -10.33 -21.57
C GLU D 81 2.48 -10.91 -22.60
N SER D 82 3.03 -10.09 -23.49
CA SER D 82 3.92 -10.56 -24.57
C SER D 82 5.15 -11.26 -23.96
N GLU D 83 5.89 -10.58 -23.07
CA GLU D 83 7.17 -11.17 -22.59
C GLU D 83 6.87 -12.36 -21.67
N GLY D 84 5.80 -12.29 -20.90
CA GLY D 84 5.41 -13.41 -20.03
C GLY D 84 5.01 -14.63 -20.83
N ASP D 85 4.28 -14.44 -21.93
CA ASP D 85 3.90 -15.61 -22.73
C ASP D 85 5.12 -16.36 -23.22
N ARG D 86 6.15 -15.63 -23.61
CA ARG D 86 7.41 -16.21 -24.12
C ARG D 86 8.05 -17.02 -22.99
N GLU D 87 8.15 -16.42 -21.80
CA GLU D 87 8.84 -17.07 -20.66
C GLU D 87 8.02 -18.26 -20.17
N LEU D 88 6.71 -18.26 -20.30
CA LEU D 88 5.88 -19.38 -19.85
C LEU D 88 6.14 -20.54 -20.81
N ALA D 89 6.20 -20.26 -22.10
CA ALA D 89 6.52 -21.29 -23.11
C ALA D 89 7.89 -21.88 -22.80
N ALA D 90 8.85 -21.03 -22.47
CA ALA D 90 10.24 -21.44 -22.25
C ALA D 90 10.31 -22.34 -21.00
N ALA D 91 9.61 -21.97 -19.94
CA ALA D 91 9.65 -22.79 -18.71
C ALA D 91 9.20 -24.21 -19.05
N TYR D 92 8.10 -24.35 -19.75
CA TYR D 92 7.58 -25.68 -20.10
C TYR D 92 8.52 -26.42 -21.05
N ARG D 93 9.10 -25.73 -22.04
CA ARG D 93 10.14 -26.30 -22.93
C ARG D 93 11.24 -26.93 -22.06
N GLU D 94 11.74 -26.19 -21.06
CA GLU D 94 12.86 -26.65 -20.24
C GLU D 94 12.41 -27.84 -19.37
N VAL D 95 11.17 -27.84 -18.88
CA VAL D 95 10.62 -29.02 -18.16
C VAL D 95 10.67 -30.24 -19.09
N ALA D 96 10.20 -30.11 -20.33
CA ALA D 96 10.16 -31.26 -21.27
C ALA D 96 11.59 -31.79 -21.46
N LYS D 97 12.56 -30.89 -21.65
CA LYS D 97 13.98 -31.29 -21.85
C LYS D 97 14.43 -32.12 -20.65
N GLU D 98 14.11 -31.66 -19.43
CA GLU D 98 14.53 -32.39 -18.19
C GLU D 98 13.83 -33.76 -18.09
N VAL D 99 12.54 -33.85 -18.36
CA VAL D 99 11.76 -35.12 -18.31
C VAL D 99 12.46 -36.08 -19.27
N THR D 100 12.81 -35.63 -20.48
CA THR D 100 13.44 -36.51 -21.49
C THR D 100 14.81 -36.94 -20.96
N ARG D 101 15.60 -36.00 -20.50
CA ARG D 101 16.98 -36.27 -20.01
C ARG D 101 16.94 -37.31 -18.87
N LEU D 102 16.00 -37.16 -17.95
CA LEU D 102 15.90 -38.05 -16.77
C LEU D 102 15.46 -39.46 -17.17
N GLY D 103 14.81 -39.61 -18.31
CA GLY D 103 14.31 -40.91 -18.81
C GLY D 103 13.18 -41.46 -17.99
N VAL D 104 12.44 -40.60 -17.30
CA VAL D 104 11.30 -41.06 -16.50
C VAL D 104 10.19 -41.58 -17.41
N ASN D 105 9.34 -42.42 -16.87
CA ASN D 105 8.11 -42.91 -17.53
C ASN D 105 6.94 -41.97 -17.25
N SER D 106 6.98 -41.16 -16.20
CA SER D 106 5.82 -40.35 -15.79
C SER D 106 6.30 -39.11 -15.05
N VAL D 107 5.46 -38.10 -15.08
CA VAL D 107 5.76 -36.79 -14.44
C VAL D 107 4.45 -36.19 -13.96
N ALA D 108 4.48 -35.66 -12.76
CA ALA D 108 3.44 -34.87 -12.11
C ALA D 108 3.74 -33.39 -12.35
N ILE D 109 2.76 -32.64 -12.85
N ILE D 109 2.77 -32.67 -12.92
CA ILE D 109 3.02 -31.24 -13.29
CA ILE D 109 2.95 -31.25 -13.35
C ILE D 109 1.82 -30.37 -12.94
C ILE D 109 1.78 -30.40 -12.85
N PRO D 110 2.07 -29.18 -12.35
CA PRO D 110 1.03 -28.20 -12.09
C PRO D 110 0.96 -27.21 -13.26
N LEU D 111 -0.09 -26.42 -13.32
CA LEU D 111 -0.17 -25.36 -14.35
C LEU D 111 0.59 -24.12 -13.88
N LEU D 112 1.74 -23.90 -14.52
CA LEU D 112 2.63 -22.79 -14.18
C LEU D 112 1.96 -21.46 -14.40
N SER D 113 2.26 -20.51 -13.55
CA SER D 113 1.84 -19.09 -13.67
C SER D 113 0.32 -18.95 -13.52
N THR D 114 -0.38 -19.89 -12.86
CA THR D 114 -1.87 -19.85 -12.79
C THR D 114 -2.40 -19.49 -11.40
N GLY D 115 -1.52 -19.36 -10.41
CA GLY D 115 -1.91 -18.96 -9.04
C GLY D 115 -1.47 -17.53 -8.73
N VAL D 116 -0.64 -17.31 -7.73
CA VAL D 116 -0.20 -15.92 -7.36
C VAL D 116 0.67 -15.32 -8.50
N TYR D 117 1.16 -16.10 -9.47
CA TYR D 117 1.89 -15.55 -10.63
C TYR D 117 0.94 -15.20 -11.78
N SER D 118 -0.38 -15.33 -11.62
CA SER D 118 -1.30 -15.11 -12.77
C SER D 118 -1.58 -13.62 -13.02
N GLY D 119 -1.14 -12.70 -12.16
CA GLY D 119 -1.47 -11.27 -12.29
C GLY D 119 -2.97 -11.04 -12.22
N GLY D 120 -3.70 -11.90 -11.49
CA GLY D 120 -5.15 -11.79 -11.26
C GLY D 120 -5.99 -12.30 -12.43
N LYS D 121 -5.38 -12.88 -13.46
CA LYS D 121 -6.10 -13.33 -14.67
C LYS D 121 -6.24 -14.86 -14.63
N ASP D 122 -7.30 -15.37 -15.25
CA ASP D 122 -7.50 -16.83 -15.46
C ASP D 122 -6.60 -17.24 -16.63
N ARG D 123 -5.57 -18.02 -16.32
CA ARG D 123 -4.58 -18.49 -17.30
C ARG D 123 -4.59 -20.01 -17.48
N LEU D 124 -5.69 -20.67 -17.15
CA LEU D 124 -5.79 -22.14 -17.35
C LEU D 124 -5.48 -22.50 -18.79
N THR D 125 -6.20 -21.91 -19.78
CA THR D 125 -6.06 -22.29 -21.19
C THR D 125 -4.64 -21.98 -21.69
N GLN D 126 -4.14 -20.79 -21.33
CA GLN D 126 -2.82 -20.33 -21.77
C GLN D 126 -1.75 -21.29 -21.23
N SER D 127 -1.83 -21.56 -19.94
CA SER D 127 -0.79 -22.41 -19.30
C SER D 127 -0.86 -23.83 -19.87
N LEU D 128 -2.09 -24.36 -19.97
CA LEU D 128 -2.29 -25.72 -20.50
C LEU D 128 -1.82 -25.82 -21.94
N ASN D 129 -2.03 -24.79 -22.77
N ASN D 129 -2.09 -24.77 -22.73
CA ASN D 129 -1.61 -24.83 -24.20
CA ASN D 129 -1.63 -24.62 -24.14
C ASN D 129 -0.07 -24.92 -24.26
C ASN D 129 -0.13 -24.91 -24.20
N HIS D 130 0.65 -24.16 -23.43
CA HIS D 130 2.13 -24.23 -23.45
C HIS D 130 2.60 -25.59 -22.90
N LEU D 131 1.90 -26.10 -21.89
CA LEU D 131 2.14 -27.46 -21.30
C LEU D 131 2.06 -28.51 -22.43
N PHE D 132 0.96 -28.54 -23.18
CA PHE D 132 0.76 -29.57 -24.23
C PHE D 132 1.86 -29.37 -25.27
N THR D 133 2.10 -28.13 -25.73
CA THR D 133 3.13 -27.91 -26.80
C THR D 133 4.47 -28.49 -26.39
N ALA D 134 4.90 -28.24 -25.16
CA ALA D 134 6.21 -28.74 -24.71
C ALA D 134 6.16 -30.24 -24.48
N MET D 135 5.18 -30.73 -23.74
CA MET D 135 5.23 -32.13 -23.27
C MET D 135 4.88 -33.10 -24.42
N ASP D 136 4.29 -32.63 -25.52
CA ASP D 136 4.09 -33.50 -26.70
C ASP D 136 5.43 -33.98 -27.25
N SER D 137 6.53 -33.32 -26.93
CA SER D 137 7.87 -33.69 -27.47
C SER D 137 8.44 -34.84 -26.65
N THR D 138 7.79 -35.23 -25.55
CA THR D 138 8.22 -36.33 -24.64
C THR D 138 7.38 -37.59 -24.92
N ASP D 139 7.79 -38.73 -24.39
CA ASP D 139 6.91 -39.93 -24.44
C ASP D 139 6.49 -40.32 -23.02
N ALA D 140 6.48 -39.37 -22.08
CA ALA D 140 6.14 -39.63 -20.67
C ALA D 140 4.64 -39.63 -20.49
N ASP D 141 4.15 -40.37 -19.50
CA ASP D 141 2.79 -40.20 -18.98
C ASP D 141 2.80 -38.90 -18.20
N VAL D 142 1.99 -37.93 -18.58
CA VAL D 142 1.92 -36.63 -17.88
C VAL D 142 0.64 -36.60 -17.06
N VAL D 143 0.75 -36.30 -15.79
CA VAL D 143 -0.38 -36.17 -14.88
C VAL D 143 -0.38 -34.76 -14.33
N ILE D 144 -1.43 -34.02 -14.71
CA ILE D 144 -1.62 -32.62 -14.30
C ILE D 144 -2.36 -32.60 -12.97
N TYR D 145 -1.91 -31.82 -12.01
CA TYR D 145 -2.52 -31.71 -10.67
C TYR D 145 -3.15 -30.33 -10.53
N CYS D 146 -4.38 -30.30 -10.01
CA CYS D 146 -5.07 -29.05 -9.64
C CYS D 146 -5.84 -29.27 -8.35
N ARG D 147 -6.42 -28.22 -7.80
CA ARG D 147 -7.16 -28.29 -6.51
C ARG D 147 -8.63 -27.94 -6.72
N ASP D 148 -8.99 -27.31 -7.83
CA ASP D 148 -10.33 -26.71 -8.02
C ASP D 148 -11.19 -27.65 -8.86
N LYS D 149 -12.46 -27.88 -8.49
CA LYS D 149 -13.32 -28.84 -9.24
C LYS D 149 -13.58 -28.33 -10.65
N GLU D 150 -13.80 -27.01 -10.82
CA GLU D 150 -14.11 -26.44 -12.16
C GLU D 150 -12.84 -26.49 -13.02
N TRP D 151 -11.67 -26.24 -12.43
CA TRP D 151 -10.41 -26.38 -13.19
C TRP D 151 -10.19 -27.84 -13.58
N GLU D 152 -10.49 -28.80 -12.69
CA GLU D 152 -10.31 -30.23 -13.01
C GLU D 152 -11.16 -30.52 -14.25
N LYS D 153 -12.40 -30.08 -14.23
CA LYS D 153 -13.35 -30.35 -15.35
C LYS D 153 -12.81 -29.70 -16.64
N LYS D 154 -12.34 -28.45 -16.55
CA LYS D 154 -11.83 -27.68 -17.71
C LYS D 154 -10.58 -28.36 -18.28
N ILE D 155 -9.68 -28.84 -17.40
CA ILE D 155 -8.45 -29.51 -17.86
C ILE D 155 -8.82 -30.81 -18.55
N SER D 156 -9.72 -31.58 -17.92
CA SER D 156 -10.19 -32.88 -18.45
C SER D 156 -10.80 -32.68 -19.84
N GLU D 157 -11.64 -31.64 -19.99
CA GLU D 157 -12.29 -31.31 -21.28
C GLU D 157 -11.21 -30.99 -22.32
N ALA D 158 -10.20 -30.22 -21.93
CA ALA D 158 -9.10 -29.84 -22.86
C ALA D 158 -8.31 -31.09 -23.30
N ILE D 159 -8.06 -32.05 -22.40
CA ILE D 159 -7.37 -33.29 -22.78
C ILE D 159 -8.25 -34.06 -23.79
N GLN D 160 -9.52 -34.22 -23.47
CA GLN D 160 -10.52 -34.97 -24.30
C GLN D 160 -10.56 -34.33 -25.70
N MET D 161 -10.49 -33.00 -25.75
CA MET D 161 -10.74 -32.25 -27.02
C MET D 161 -9.60 -32.47 -28.02
N ARG D 162 -8.37 -32.79 -27.58
CA ARG D 162 -7.20 -32.93 -28.49
C ARG D 162 -7.21 -34.29 -29.18
N THR D 163 -7.98 -35.25 -28.65
CA THR D 163 -8.11 -36.61 -29.21
C THR D 163 -9.12 -36.55 -30.38
S DMS E . -8.91 1.00 -0.86
O DMS E . -8.23 -0.27 -0.24
C1 DMS E . -9.91 1.70 0.36
C2 DMS E . -10.22 0.42 -1.93
S DMS F . -25.81 4.66 17.26
O DMS F . -24.87 3.73 17.97
C1 DMS F . -25.43 6.32 17.79
C2 DMS F . -27.39 4.52 18.07
S DMS G . -0.42 -12.06 13.41
O DMS G . -0.39 -10.80 14.20
C1 DMS G . -1.51 -11.79 12.05
C2 DMS G . -1.48 -13.19 14.28
S DMS H . -20.89 -0.61 16.14
O DMS H . -19.70 -1.54 16.27
C1 DMS H . -21.19 -0.44 14.40
C2 DMS H . -20.27 1.02 16.43
S DMS I . -11.77 13.01 23.03
O DMS I . -10.44 13.07 22.45
C1 DMS I . -12.52 14.60 22.68
C2 DMS I . -11.63 13.15 24.79
CL CL J . -22.41 -3.89 16.37
CL CL K . -22.04 5.95 17.22
CL CL L . -15.30 10.23 7.87
N1 3TR M . -21.89 -4.90 12.82
N2 3TR M . -21.56 -5.37 11.55
C3 3TR M . -21.40 -6.68 11.65
N4 3TR M . -21.61 -7.09 12.92
C5 3TR M . -21.91 -6.00 13.64
N3A 3TR M . -21.07 -7.52 10.67
N1 3TR N . -16.88 4.20 12.74
N2 3TR N . -16.38 3.91 11.48
C3 3TR N . -17.41 3.46 10.74
N4 3TR N . -18.55 3.45 11.47
C5 3TR N . -18.22 3.88 12.70
N3A 3TR N . -17.34 3.05 9.46
S DMS O . -32.24 -13.34 24.23
O DMS O . -32.46 -14.14 25.48
C1 DMS O . -32.74 -11.69 24.61
C2 DMS O . -33.55 -13.79 23.12
S DMS P . -0.36 -4.81 0.62
O DMS P . -0.37 -3.54 1.44
C1 DMS P . -1.33 -4.49 -0.82
C2 DMS P . -1.51 -5.93 1.36
S DMS Q . -15.87 22.73 -3.81
O DMS Q . -16.48 22.08 -2.60
C1 DMS Q . -15.39 24.38 -3.32
C2 DMS Q . -17.34 23.26 -4.58
CL CL R . -5.85 22.77 -12.39
CL CL S . -13.56 25.79 -6.99
N1 3TR T . -4.72 20.42 -6.81
N2 3TR T . -4.96 19.34 -5.98
C3 3TR T . -6.13 18.82 -6.36
N4 3TR T . -6.66 19.54 -7.40
C5 3TR T . -5.80 20.52 -7.67
N3A 3TR T . -6.71 17.74 -5.85
N1 3TR U . -11.26 26.75 -17.14
N1 3TR U . -11.17 26.63 -17.90
N2 3TR U . -12.55 27.19 -17.44
N2 3TR U . -11.78 26.25 -16.70
C3 3TR U . -12.61 27.40 -18.74
C3 3TR U . -13.07 26.57 -16.80
N4 3TR U . -11.41 27.12 -19.34
N4 3TR U . -13.34 27.11 -18.02
C5 3TR U . -10.59 26.72 -18.35
C5 3TR U . -12.17 27.16 -18.69
N3A 3TR U . -13.68 27.82 -19.43
N3A 3TR U . -13.99 26.48 -15.83
N1 3TR V . -9.16 23.90 -16.87
N2 3TR V . -9.77 24.15 -15.65
C3 3TR V . -8.85 23.96 -14.71
N4 3TR V . -7.66 23.59 -15.25
C5 3TR V . -7.86 23.55 -16.59
N3A 3TR V . -9.03 24.12 -13.38
N1 3TR W . -0.94 36.32 -13.15
N2 3TR W . 0.28 36.99 -13.06
C3 3TR W . 0.26 37.71 -11.94
N4 3TR W . -0.93 37.54 -11.28
C5 3TR W . -1.66 36.68 -12.04
N3A 3TR W . 1.20 38.55 -11.51
S DMS X . -10.64 23.28 -7.75
O DMS X . -9.48 23.63 -8.69
C1 DMS X . -10.29 24.05 -6.19
C2 DMS X . -10.43 21.60 -7.30
S DMS Y . 16.15 6.63 2.27
O DMS Y . 15.55 6.02 1.04
C1 DMS Y . 17.66 5.75 2.57
C2 DMS Y . 16.86 8.18 1.77
CL CL Z . 20.62 3.14 6.74
CL CL AA . 1.28 12.16 -6.51
CL CL BA . 13.04 8.22 2.34
S DMS CA . 29.25 12.98 -11.72
O DMS CA . 28.01 12.78 -12.60
C1 DMS CA . 29.22 11.83 -10.40
C2 DMS CA . 29.00 14.47 -10.78
N1 3TR DA . 3.62 13.42 -0.20
N2 3TR DA . 4.80 13.09 -0.87
C3 3TR DA . 4.87 11.77 -0.86
N4 3TR DA . 3.80 11.23 -0.24
C5 3TR DA . 3.04 12.27 0.16
N3A 3TR DA . 5.88 11.03 -1.33
N1 3TR EA . 23.02 4.70 0.48
N2 3TR EA . 23.52 5.49 -0.53
C3 3TR EA . 23.16 6.76 -0.29
N4 3TR EA . 22.44 6.84 0.86
C5 3TR EA . 22.33 5.59 1.34
N3A 3TR EA . 23.44 7.83 -1.06
N1 3TR FA . 13.77 10.89 0.37
N2 3TR FA . 14.14 12.15 -0.08
C3 3TR FA . 13.36 12.42 -1.13
N4 3TR FA . 12.49 11.39 -1.37
C5 3TR FA . 12.75 10.45 -0.44
N3A 3TR FA . 13.37 13.53 -1.87
S DMS GA . 18.43 5.25 9.26
O DMS GA . 18.86 4.75 10.62
C1 DMS GA . 19.93 5.78 8.46
C2 DMS GA . 17.71 6.84 9.53
N1 3TR HA . 18.41 -2.25 -19.57
N2 3TR HA . 18.28 -1.19 -20.46
C3 3TR HA . 19.45 -0.57 -20.50
N4 3TR HA . 20.34 -1.17 -19.66
C5 3TR HA . 19.69 -2.20 -19.10
N3A 3TR HA . 19.78 0.48 -21.25
S DMS IA . 6.90 -35.16 4.93
O DMS IA . 5.86 -34.93 3.86
C1 DMS IA . 6.87 -33.69 5.95
C2 DMS IA . 8.54 -34.93 4.17
S DMS JA . 20.36 -33.93 -11.78
O DMS JA . 19.17 -34.60 -12.41
C1 DMS JA . 19.85 -33.43 -10.15
C2 DMS JA . 20.45 -32.30 -12.51
CL CL KA . -6.59 -25.29 -9.37
CL CL LA . 1.69 -19.65 -9.84
N1 3TR MA . -2.21 -27.48 -6.68
N2 3TR MA . -1.75 -27.21 -5.40
C3 3TR MA . -1.19 -28.34 -4.95
N4 3TR MA . -1.29 -29.32 -5.89
C5 3TR MA . -1.92 -28.79 -6.95
N3A 3TR MA . -0.61 -28.52 -3.76
N1 3TR NA . 4.13 -19.91 -6.72
N2 3TR NA . 4.64 -19.79 -5.44
C3 3TR NA . 5.92 -19.44 -5.56
N4 3TR NA . 6.27 -19.33 -6.88
C5 3TR NA . 5.16 -19.62 -7.59
N3A 3TR NA . 6.76 -19.16 -4.57
#